data_7T0A
#
_entry.id   7T0A
#
_cell.length_a   141.210
_cell.length_b   141.210
_cell.length_c   129.822
_cell.angle_alpha   90.000
_cell.angle_beta   90.000
_cell.angle_gamma   90.000
#
_symmetry.space_group_name_H-M   'P 43 21 2'
#
loop_
_entity.id
_entity.type
_entity.pdbx_description
1 polymer 'Protein farnesyltransferase/geranylgeranyltransferase type-1 subunit alpha'
2 polymer 'Protein farnesyltransferase subunit beta'
3 non-polymer 1,2-ETHANEDIOL
4 non-polymer 'ZINC ION'
5 non-polymer '(2R)-3-(cyclohexylamino)-2-hydroxypropane-1-sulfonic acid'
6 non-polymer (5S)-4-({1-[(4-bromophenyl)methyl]-1H-imidazol-5-yl}methyl)-5-butyl-1-[3-(trifluoromethoxy)phenyl]piperazin-2-one
7 non-polymer 'SULFATE ION'
8 water water
#
loop_
_entity_poly.entity_id
_entity_poly.type
_entity_poly.pdbx_seq_one_letter_code
_entity_poly.pdbx_strand_id
1 'polypeptide(L)'
;MGSSHHHHHHSQDLMVTSTYIPMSQRRSWADVKPIMQDDGPNPVVPIMYSEEYKDAMDYFRAIAAKEEKSERALELTEII
VRMNPAHYTVWQYRFSLLTSLNKSLEDELRLMNEFAVQNLKSYQVWHHRLLLLDRISPQDPVSEIEYIHGSLLPDPKNYH
TWAYLHWLYSHFSTLGRISEAQWGSELDWCNEMLRVDGRNNSAWGWRWYLRVSRPGAETSSRSLQDELIYILKSIHLIPH
NVSAWNYLRGFLKHFSLPLVPILPAILPYTASKLNPDIETVEAFGFPMPSDPLPEDTPLPVPLALEYLADSFIEQNRVDD
AAKVFEKLSSEYDQMRAGYWEFRRRECAE
;
A
2 'polypeptide(L)'
;MATEFTPSVYSLVSKPLPSNSRPSATLDEQAETEDLISQLFDLTADPNALVSEHGKRYSGLRKQEHTQFLASSFFQLPGK
FVSLDASRPWLVFWTVHSLDLLGVALDQGTKDRVVSTLLHFLSPKGGFGGGPANSQIPHLLPTYASVCSLAIAGNDSSTG
GWKDLAAARQSIYEFFMRCKRPDGGFVVCEGGEVDVRGTYCLLVVATLLDIITPELLHNVDKFVSACQTYEGGFACASFP
FPSVVPSTSAFPTSEPSCRVSMAEAHGGYTSCSLNSHFLLTSVPLPSFPLSIDANAALRWTVLQQGEPIEGGGFRGRTNK
LVDGCYSWWVGGGAPVAEELVRREKSRKVKKSRIEVFEEEKEGDWEDVPPIPPIFNRVALQEFTLVAAQQDPGSTGGLRD
KPGKRPDQYHTCNNLSGLSIAQHKMSHSPSTVSSNRLKFDASKGLPAVKPVAPGGGWKNEDERQNARREIWANALGWIEE
EGGEIIVGGKDNRINTTTPVFNILGLRLKPFINYFYCQEN
;
B
#
# COMPACT_ATOMS: atom_id res chain seq x y z
N THR A 19 1.55 -37.10 22.18
CA THR A 19 0.70 -37.83 21.24
C THR A 19 -0.58 -37.05 20.96
N TYR A 20 -0.87 -36.82 19.68
CA TYR A 20 -2.05 -36.07 19.29
C TYR A 20 -3.30 -36.94 19.36
N ILE A 21 -4.37 -36.39 19.92
CA ILE A 21 -5.65 -37.06 20.05
C ILE A 21 -6.59 -36.45 19.01
N PRO A 22 -7.02 -37.21 18.00
CA PRO A 22 -7.96 -36.66 17.01
C PRO A 22 -9.28 -36.26 17.66
N MET A 23 -9.91 -35.24 17.08
CA MET A 23 -11.17 -34.74 17.62
C MET A 23 -12.31 -35.73 17.41
N SER A 24 -12.15 -36.70 16.51
CA SER A 24 -13.16 -37.74 16.36
C SER A 24 -13.18 -38.69 17.54
N GLN A 25 -12.08 -38.79 18.28
CA GLN A 25 -11.99 -39.64 19.46
C GLN A 25 -12.16 -38.87 20.76
N ARG A 26 -12.61 -37.62 20.68
CA ARG A 26 -12.84 -36.79 21.86
C ARG A 26 -14.32 -36.82 22.22
N ARG A 27 -14.61 -37.09 23.50
CA ARG A 27 -15.98 -37.23 23.94
C ARG A 27 -16.79 -35.95 23.78
N SER A 28 -16.12 -34.79 23.89
CA SER A 28 -16.82 -33.52 23.79
C SER A 28 -17.25 -33.17 22.38
N TRP A 29 -16.78 -33.93 21.37
CA TRP A 29 -17.08 -33.62 19.98
C TRP A 29 -17.68 -34.82 19.24
N ALA A 30 -18.18 -35.82 19.97
CA ALA A 30 -18.67 -37.03 19.33
C ALA A 30 -19.91 -36.76 18.48
N ASP A 31 -20.67 -35.73 18.82
CA ASP A 31 -21.91 -35.42 18.11
C ASP A 31 -21.68 -34.65 16.82
N VAL A 32 -20.46 -34.15 16.57
CA VAL A 32 -20.17 -33.28 15.45
C VAL A 32 -19.62 -34.12 14.30
N LYS A 33 -20.24 -33.99 13.13
CA LYS A 33 -19.76 -34.64 11.92
C LYS A 33 -18.89 -33.65 11.16
N PRO A 34 -17.58 -33.87 11.06
CA PRO A 34 -16.71 -32.88 10.42
C PRO A 34 -17.01 -32.73 8.94
N ILE A 35 -16.72 -31.55 8.41
CA ILE A 35 -16.94 -31.21 7.01
C ILE A 35 -15.58 -30.93 6.37
N MET A 36 -15.29 -31.61 5.27
CA MET A 36 -14.00 -31.47 4.62
C MET A 36 -13.92 -30.19 3.82
N GLN A 37 -12.69 -29.71 3.64
CA GLN A 37 -12.45 -28.52 2.82
C GLN A 37 -12.78 -28.82 1.36
N ASP A 38 -13.72 -28.06 0.79
CA ASP A 38 -14.16 -28.28 -0.58
C ASP A 38 -13.28 -27.44 -1.52
N ASP A 39 -12.09 -27.95 -1.78
CA ASP A 39 -11.12 -27.30 -2.65
C ASP A 39 -11.22 -27.74 -4.10
N GLY A 40 -11.94 -28.82 -4.38
CA GLY A 40 -11.96 -29.41 -5.69
C GLY A 40 -11.04 -30.62 -5.75
N PRO A 41 -11.06 -31.34 -6.88
CA PRO A 41 -10.25 -32.57 -6.95
C PRO A 41 -8.75 -32.32 -6.97
N ASN A 42 -8.29 -31.29 -7.68
CA ASN A 42 -6.86 -31.00 -7.82
C ASN A 42 -6.65 -29.51 -7.85
N PRO A 43 -6.70 -28.86 -6.68
CA PRO A 43 -6.60 -27.39 -6.65
C PRO A 43 -5.16 -26.91 -6.77
N VAL A 44 -5.03 -25.68 -7.28
CA VAL A 44 -3.73 -25.02 -7.36
C VAL A 44 -3.41 -24.40 -6.00
N VAL A 45 -2.18 -23.90 -5.86
CA VAL A 45 -1.58 -23.43 -4.60
C VAL A 45 -2.12 -24.16 -3.37
N PRO A 46 -2.00 -25.48 -3.27
CA PRO A 46 -2.42 -26.16 -2.05
C PRO A 46 -1.35 -26.07 -0.98
N ILE A 47 -1.81 -26.12 0.27
CA ILE A 47 -0.93 -26.04 1.44
C ILE A 47 -0.99 -27.38 2.16
N MET A 48 0.19 -27.92 2.48
CA MET A 48 0.29 -29.20 3.18
C MET A 48 0.04 -28.94 4.65
N TYR A 49 -1.24 -28.95 5.04
CA TYR A 49 -1.61 -28.69 6.42
C TYR A 49 -1.16 -29.82 7.33
N SER A 50 -0.87 -29.47 8.58
CA SER A 50 -0.64 -30.49 9.59
C SER A 50 -1.95 -31.18 9.95
N GLU A 51 -1.83 -32.33 10.62
CA GLU A 51 -3.03 -33.05 11.03
C GLU A 51 -3.84 -32.24 12.03
N GLU A 52 -3.17 -31.55 12.94
CA GLU A 52 -3.88 -30.78 13.96
C GLU A 52 -4.64 -29.61 13.34
N TYR A 53 -4.06 -28.97 12.33
CA TYR A 53 -4.73 -27.83 11.71
C TYR A 53 -5.90 -28.27 10.83
N LYS A 54 -5.72 -29.33 10.04
CA LYS A 54 -6.80 -29.82 9.20
C LYS A 54 -7.96 -30.34 10.06
N ASP A 55 -7.64 -30.99 11.17
CA ASP A 55 -8.69 -31.53 12.04
C ASP A 55 -9.51 -30.41 12.65
N ALA A 56 -8.86 -29.33 13.09
CA ALA A 56 -9.60 -28.23 13.70
C ALA A 56 -10.46 -27.50 12.67
N MET A 57 -9.96 -27.31 11.46
CA MET A 57 -10.74 -26.65 10.43
C MET A 57 -11.89 -27.53 9.94
N ASP A 58 -11.70 -28.85 9.92
CA ASP A 58 -12.79 -29.76 9.55
C ASP A 58 -13.96 -29.62 10.51
N TYR A 59 -13.67 -29.49 11.81
CA TYR A 59 -14.74 -29.32 12.78
C TYR A 59 -15.23 -27.89 12.87
N PHE A 60 -14.38 -26.91 12.52
CA PHE A 60 -14.85 -25.53 12.46
C PHE A 60 -15.86 -25.36 11.33
N ARG A 61 -15.61 -25.99 10.18
CA ARG A 61 -16.58 -25.95 9.09
C ARG A 61 -17.93 -26.51 9.52
N ALA A 62 -17.93 -27.52 10.37
CA ALA A 62 -19.19 -28.07 10.86
C ALA A 62 -19.83 -27.13 11.88
N ILE A 63 -19.02 -26.52 12.75
CA ILE A 63 -19.55 -25.57 13.72
C ILE A 63 -20.20 -24.38 13.02
N ALA A 64 -19.49 -23.81 12.03
CA ALA A 64 -20.04 -22.68 11.30
C ALA A 64 -21.24 -23.08 10.45
N ALA A 65 -21.29 -24.34 9.99
CA ALA A 65 -22.44 -24.79 9.22
C ALA A 65 -23.71 -24.83 10.07
N LYS A 66 -23.60 -25.35 11.29
CA LYS A 66 -24.73 -25.40 12.20
C LYS A 66 -24.91 -24.10 12.98
N GLU A 67 -24.04 -23.12 12.77
CA GLU A 67 -24.12 -21.81 13.44
C GLU A 67 -24.13 -21.96 14.96
N GLU A 68 -23.28 -22.85 15.47
CA GLU A 68 -23.23 -23.11 16.90
C GLU A 68 -22.44 -22.03 17.62
N LYS A 69 -23.07 -21.42 18.62
CA LYS A 69 -22.43 -20.43 19.48
C LYS A 69 -22.29 -21.07 20.85
N SER A 70 -21.11 -21.63 21.13
CA SER A 70 -20.91 -22.38 22.35
C SER A 70 -19.49 -22.16 22.86
N GLU A 71 -19.22 -22.67 24.06
CA GLU A 71 -17.88 -22.56 24.63
C GLU A 71 -16.87 -23.42 23.88
N ARG A 72 -17.28 -24.60 23.41
CA ARG A 72 -16.36 -25.44 22.66
C ARG A 72 -16.03 -24.82 21.31
N ALA A 73 -16.99 -24.11 20.70
CA ALA A 73 -16.69 -23.37 19.48
C ALA A 73 -15.71 -22.24 19.77
N LEU A 74 -15.85 -21.59 20.92
CA LEU A 74 -14.90 -20.54 21.31
C LEU A 74 -13.50 -21.11 21.51
N GLU A 75 -13.41 -22.26 22.20
CA GLU A 75 -12.11 -22.90 22.38
C GLU A 75 -11.52 -23.33 21.05
N LEU A 76 -12.36 -23.76 20.11
CA LEU A 76 -11.85 -24.19 18.81
C LEU A 76 -11.28 -23.01 18.02
N THR A 77 -11.93 -21.86 18.07
CA THR A 77 -11.42 -20.69 17.36
C THR A 77 -10.07 -20.26 17.93
N GLU A 78 -9.89 -20.37 19.24
CA GLU A 78 -8.60 -20.04 19.84
C GLU A 78 -7.51 -20.99 19.36
N ILE A 79 -7.84 -22.28 19.25
CA ILE A 79 -6.86 -23.25 18.76
C ILE A 79 -6.45 -22.92 17.34
N ILE A 80 -7.40 -22.50 16.51
CA ILE A 80 -7.11 -22.24 15.10
C ILE A 80 -6.27 -20.97 14.95
N VAL A 81 -6.67 -19.89 15.63
CA VAL A 81 -5.94 -18.64 15.50
C VAL A 81 -4.54 -18.71 16.10
N ARG A 82 -4.31 -19.65 17.03
CA ARG A 82 -2.95 -19.85 17.51
C ARG A 82 -2.07 -20.49 16.44
N MET A 83 -2.65 -21.33 15.58
CA MET A 83 -1.88 -21.92 14.49
C MET A 83 -1.85 -21.01 13.27
N ASN A 84 -2.86 -20.17 13.10
CA ASN A 84 -2.93 -19.25 11.95
C ASN A 84 -3.57 -17.96 12.41
N PRO A 85 -2.77 -17.01 12.91
CA PRO A 85 -3.34 -15.74 13.39
C PRO A 85 -3.92 -14.86 12.29
N ALA A 86 -3.77 -15.23 11.02
CA ALA A 86 -4.26 -14.42 9.91
C ALA A 86 -5.57 -14.94 9.33
N HIS A 87 -6.21 -15.91 9.97
CA HIS A 87 -7.45 -16.50 9.48
C HIS A 87 -8.61 -15.59 9.87
N TYR A 88 -8.96 -14.69 8.95
CA TYR A 88 -9.94 -13.65 9.28
C TYR A 88 -11.34 -14.23 9.50
N THR A 89 -11.68 -15.33 8.82
CA THR A 89 -12.99 -15.93 9.02
C THR A 89 -13.14 -16.47 10.44
N VAL A 90 -12.08 -17.08 10.96
CA VAL A 90 -12.14 -17.62 12.32
C VAL A 90 -12.17 -16.50 13.35
N TRP A 91 -11.44 -15.40 13.07
CA TRP A 91 -11.49 -14.25 13.97
C TRP A 91 -12.88 -13.62 13.97
N GLN A 92 -13.52 -13.52 12.81
CA GLN A 92 -14.86 -12.98 12.75
C GLN A 92 -15.84 -13.85 13.53
N TYR A 93 -15.73 -15.18 13.37
CA TYR A 93 -16.59 -16.08 14.11
C TYR A 93 -16.33 -16.01 15.61
N ARG A 94 -15.07 -15.79 16.01
CA ARG A 94 -14.75 -15.73 17.43
C ARG A 94 -15.39 -14.50 18.08
N PHE A 95 -15.35 -13.35 17.41
CA PHE A 95 -15.97 -12.16 17.98
C PHE A 95 -17.48 -12.31 18.09
N SER A 96 -18.10 -12.99 17.13
CA SER A 96 -19.53 -13.28 17.25
C SER A 96 -19.81 -14.23 18.40
N LEU A 97 -18.86 -15.11 18.72
CA LEU A 97 -19.01 -15.99 19.88
C LEU A 97 -18.94 -15.20 21.17
N LEU A 98 -18.04 -14.21 21.25
CA LEU A 98 -17.89 -13.43 22.47
C LEU A 98 -19.13 -12.58 22.75
N THR A 99 -19.69 -11.95 21.72
CA THR A 99 -20.86 -11.10 21.92
C THR A 99 -22.10 -11.93 22.19
N SER A 100 -22.26 -13.05 21.48
CA SER A 100 -23.45 -13.88 21.66
C SER A 100 -23.48 -14.51 23.05
N LEU A 101 -22.34 -15.02 23.51
CA LEU A 101 -22.27 -15.65 24.83
C LEU A 101 -22.06 -14.66 25.95
N ASN A 102 -22.00 -13.36 25.65
CA ASN A 102 -21.77 -12.32 26.66
C ASN A 102 -20.52 -12.61 27.47
N LYS A 103 -19.46 -13.01 26.77
CA LYS A 103 -18.21 -13.34 27.43
C LYS A 103 -17.52 -12.09 27.97
N SER A 104 -16.63 -12.30 28.94
CA SER A 104 -15.86 -11.21 29.51
C SER A 104 -14.87 -10.68 28.48
N LEU A 105 -15.15 -9.51 27.92
CA LEU A 105 -14.26 -8.92 26.94
C LEU A 105 -12.93 -8.47 27.55
N GLU A 106 -12.90 -8.23 28.86
CA GLU A 106 -11.64 -7.89 29.52
C GLU A 106 -10.72 -9.10 29.59
N ASP A 107 -11.28 -10.29 29.84
CA ASP A 107 -10.48 -11.51 29.80
C ASP A 107 -9.97 -11.79 28.40
N GLU A 108 -10.81 -11.55 27.37
CA GLU A 108 -10.35 -11.68 26.00
C GLU A 108 -9.25 -10.67 25.70
N LEU A 109 -9.36 -9.46 26.26
CA LEU A 109 -8.31 -8.48 26.10
C LEU A 109 -7.02 -8.92 26.79
N ARG A 110 -7.13 -9.64 27.92
CA ARG A 110 -5.95 -10.22 28.54
C ARG A 110 -5.38 -11.37 27.72
N LEU A 111 -6.24 -12.11 27.01
CA LEU A 111 -5.74 -13.16 26.13
C LEU A 111 -4.96 -12.56 24.97
N MET A 112 -5.40 -11.41 24.45
CA MET A 112 -4.66 -10.74 23.39
C MET A 112 -3.32 -10.23 23.89
N ASN A 113 -3.22 -9.90 25.18
CA ASN A 113 -1.92 -9.57 25.75
C ASN A 113 -1.01 -10.79 25.76
N GLU A 114 -1.56 -11.96 26.10
CA GLU A 114 -0.78 -13.20 26.02
C GLU A 114 -0.46 -13.56 24.57
N PHE A 115 -1.29 -13.11 23.63
CA PHE A 115 -1.01 -13.34 22.22
C PHE A 115 0.17 -12.49 21.74
N ALA A 116 0.42 -11.35 22.38
CA ALA A 116 1.53 -10.50 22.00
C ALA A 116 2.87 -11.05 22.48
N VAL A 117 2.89 -11.71 23.64
CA VAL A 117 4.13 -12.27 24.15
C VAL A 117 4.56 -13.47 23.31
N GLN A 118 3.59 -14.27 22.86
CA GLN A 118 3.86 -15.47 22.08
C GLN A 118 4.06 -15.19 20.59
N ASN A 119 4.17 -13.91 20.20
CA ASN A 119 4.42 -13.51 18.82
C ASN A 119 3.33 -14.02 17.89
N LEU A 120 2.09 -13.64 18.20
CA LEU A 120 0.92 -13.97 17.40
C LEU A 120 0.24 -12.67 17.01
N LYS A 121 0.55 -12.16 15.82
CA LYS A 121 0.05 -10.87 15.38
C LYS A 121 -0.30 -10.92 13.89
N SER A 122 -1.18 -10.03 13.49
CA SER A 122 -1.61 -9.88 12.10
C SER A 122 -2.53 -8.67 12.01
N TYR A 123 -3.05 -8.42 10.80
CA TYR A 123 -4.10 -7.42 10.64
C TYR A 123 -5.31 -7.77 11.50
N GLN A 124 -5.61 -9.07 11.63
CA GLN A 124 -6.82 -9.52 12.29
C GLN A 124 -6.72 -9.42 13.80
N VAL A 125 -5.53 -9.68 14.36
CA VAL A 125 -5.36 -9.59 15.80
C VAL A 125 -5.50 -8.14 16.26
N TRP A 126 -4.93 -7.19 15.52
CA TRP A 126 -5.05 -5.78 15.89
C TRP A 126 -6.47 -5.30 15.74
N HIS A 127 -7.16 -5.71 14.67
CA HIS A 127 -8.55 -5.33 14.51
C HIS A 127 -9.44 -5.95 15.57
N HIS A 128 -9.11 -7.18 16.00
CA HIS A 128 -9.87 -7.82 17.07
C HIS A 128 -9.76 -7.02 18.36
N ARG A 129 -8.57 -6.50 18.67
CA ARG A 129 -8.40 -5.67 19.85
C ARG A 129 -9.19 -4.36 19.72
N LEU A 130 -9.27 -3.81 18.51
CA LEU A 130 -10.05 -2.60 18.29
C LEU A 130 -11.53 -2.86 18.54
N LEU A 131 -12.05 -3.98 18.01
CA LEU A 131 -13.45 -4.32 18.22
C LEU A 131 -13.76 -4.54 19.69
N LEU A 132 -12.79 -5.05 20.46
CA LEU A 132 -12.98 -5.21 21.89
C LEU A 132 -13.12 -3.86 22.58
N LEU A 133 -12.18 -2.95 22.34
CA LEU A 133 -12.23 -1.63 22.98
C LEU A 133 -13.49 -0.88 22.57
N ASP A 134 -13.92 -1.04 21.32
CA ASP A 134 -15.14 -0.37 20.86
C ASP A 134 -16.36 -0.88 21.61
N ARG A 135 -16.45 -2.19 21.82
CA ARG A 135 -17.64 -2.76 22.48
C ARG A 135 -17.57 -2.59 23.99
N ILE A 136 -16.39 -2.73 24.59
CA ILE A 136 -16.23 -2.44 26.01
C ILE A 136 -16.61 -0.99 26.28
N SER A 137 -16.12 -0.08 25.43
CA SER A 137 -16.36 1.35 25.56
C SER A 137 -16.06 1.84 26.99
N PRO A 138 -14.82 1.72 27.45
CA PRO A 138 -14.51 2.13 28.82
C PRO A 138 -14.65 3.63 28.99
N GLN A 139 -15.00 4.04 30.21
N GLN A 139 -15.00 4.03 30.21
CA GLN A 139 -15.11 5.46 30.51
CA GLN A 139 -15.11 5.45 30.53
C GLN A 139 -13.76 6.16 30.43
C GLN A 139 -13.75 6.15 30.42
N ASP A 140 -12.67 5.44 30.73
CA ASP A 140 -11.33 5.99 30.62
C ASP A 140 -10.43 4.95 29.97
N PRO A 141 -9.99 5.15 28.73
CA PRO A 141 -9.17 4.13 28.06
C PRO A 141 -7.68 4.30 28.34
N VAL A 142 -7.34 4.87 29.50
CA VAL A 142 -5.94 5.15 29.81
C VAL A 142 -5.13 3.86 29.92
N SER A 143 -5.75 2.78 30.40
CA SER A 143 -5.01 1.52 30.54
C SER A 143 -4.62 0.96 29.19
N GLU A 144 -5.49 1.12 28.18
CA GLU A 144 -5.15 0.63 26.85
C GLU A 144 -4.12 1.53 26.18
N ILE A 145 -4.19 2.84 26.44
CA ILE A 145 -3.19 3.76 25.89
C ILE A 145 -1.80 3.40 26.40
N GLU A 146 -1.68 3.10 27.70
CA GLU A 146 -0.38 2.74 28.26
C GLU A 146 0.12 1.42 27.71
N TYR A 147 -0.79 0.46 27.48
CA TYR A 147 -0.37 -0.80 26.88
C TYR A 147 0.17 -0.59 25.47
N ILE A 148 -0.46 0.29 24.70
CA ILE A 148 0.02 0.58 23.35
C ILE A 148 1.39 1.23 23.39
N HIS A 149 1.61 2.13 24.35
CA HIS A 149 2.92 2.74 24.52
C HIS A 149 3.97 1.69 24.83
N GLY A 150 3.66 0.75 25.72
CA GLY A 150 4.62 -0.28 26.07
C GLY A 150 4.91 -1.23 24.93
N SER A 151 3.88 -1.54 24.13
CA SER A 151 4.08 -2.45 23.00
C SER A 151 4.91 -1.83 21.89
N LEU A 152 5.02 -0.50 21.85
CA LEU A 152 5.83 0.17 20.84
C LEU A 152 7.31 0.17 21.16
N LEU A 153 7.73 -0.31 22.33
CA LEU A 153 9.14 -0.31 22.68
C LEU A 153 9.93 -1.34 21.88
N PRO A 154 9.44 -2.57 21.70
CA PRO A 154 10.18 -3.50 20.83
C PRO A 154 10.14 -3.12 19.35
N ASP A 155 9.06 -2.49 18.89
CA ASP A 155 8.94 -2.07 17.49
C ASP A 155 8.38 -0.66 17.45
N PRO A 156 9.25 0.35 17.45
CA PRO A 156 8.76 1.74 17.50
C PRO A 156 8.09 2.22 16.22
N LYS A 157 8.17 1.46 15.13
CA LYS A 157 7.59 1.88 13.85
C LYS A 157 6.51 0.92 13.36
N ASN A 158 5.93 0.13 14.25
CA ASN A 158 4.84 -0.77 13.87
C ASN A 158 3.66 0.04 13.35
N TYR A 159 3.35 -0.12 12.06
CA TYR A 159 2.31 0.68 11.44
C TYR A 159 0.94 0.38 12.03
N HIS A 160 0.66 -0.90 12.28
CA HIS A 160 -0.63 -1.28 12.88
C HIS A 160 -0.81 -0.61 14.24
N THR A 161 0.24 -0.56 15.05
CA THR A 161 0.14 0.01 16.39
C THR A 161 -0.10 1.50 16.33
N TRP A 162 0.63 2.22 15.47
CA TRP A 162 0.45 3.66 15.36
C TRP A 162 -0.94 4.02 14.83
N ALA A 163 -1.42 3.27 13.83
CA ALA A 163 -2.78 3.50 13.33
C ALA A 163 -3.81 3.20 14.40
N TYR A 164 -3.58 2.14 15.20
CA TYR A 164 -4.50 1.80 16.27
C TYR A 164 -4.52 2.88 17.35
N LEU A 165 -3.35 3.45 17.65
CA LEU A 165 -3.28 4.54 18.62
C LEU A 165 -4.05 5.77 18.11
N HIS A 166 -3.95 6.05 16.82
CA HIS A 166 -4.75 7.14 16.24
C HIS A 166 -6.23 6.88 16.39
N TRP A 167 -6.68 5.64 16.12
CA TRP A 167 -8.08 5.32 16.27
C TRP A 167 -8.53 5.43 17.71
N LEU A 168 -7.69 4.96 18.65
CA LEU A 168 -8.07 4.97 20.06
C LEU A 168 -8.35 6.39 20.54
N TYR A 169 -7.44 7.32 20.24
CA TYR A 169 -7.65 8.71 20.66
C TYR A 169 -8.78 9.37 19.88
N SER A 170 -8.92 9.03 18.59
CA SER A 170 -9.98 9.64 17.79
C SER A 170 -11.36 9.14 18.21
N HIS A 171 -11.49 7.84 18.45
CA HIS A 171 -12.79 7.26 18.80
C HIS A 171 -13.27 7.76 20.15
N PHE A 172 -12.40 7.76 21.15
CA PHE A 172 -12.83 8.12 22.51
C PHE A 172 -12.88 9.63 22.73
N SER A 173 -12.15 10.42 21.94
CA SER A 173 -12.35 11.87 21.99
C SER A 173 -13.68 12.26 21.39
N THR A 174 -14.15 11.51 20.39
CA THR A 174 -15.50 11.70 19.88
C THR A 174 -16.54 11.49 20.98
N LEU A 175 -16.29 10.55 21.89
CA LEU A 175 -17.14 10.34 23.05
C LEU A 175 -16.84 11.30 24.18
N GLY A 176 -15.90 12.23 23.99
CA GLY A 176 -15.56 13.19 25.02
C GLY A 176 -14.84 12.62 26.22
N ARG A 177 -14.16 11.49 26.06
CA ARG A 177 -13.55 10.79 27.18
C ARG A 177 -12.03 10.98 27.26
N ILE A 178 -11.47 11.88 26.46
CA ILE A 178 -10.04 12.20 26.52
C ILE A 178 -9.91 13.56 27.18
N SER A 179 -9.38 13.59 28.39
CA SER A 179 -9.24 14.82 29.14
C SER A 179 -8.02 15.61 28.66
N GLU A 180 -7.98 16.89 29.06
CA GLU A 180 -6.86 17.74 28.68
C GLU A 180 -5.54 17.24 29.27
N ALA A 181 -5.58 16.66 30.48
CA ALA A 181 -4.38 16.08 31.05
C ALA A 181 -3.92 14.86 30.26
N GLN A 182 -4.85 14.13 29.66
CA GLN A 182 -4.47 12.98 28.83
C GLN A 182 -3.80 13.43 27.55
N TRP A 183 -4.33 14.48 26.91
CA TRP A 183 -3.66 15.05 25.75
C TRP A 183 -2.27 15.55 26.10
N GLY A 184 -2.12 16.17 27.26
CA GLY A 184 -0.82 16.70 27.64
C GLY A 184 0.21 15.62 27.87
N SER A 185 -0.17 14.56 28.59
CA SER A 185 0.75 13.46 28.82
C SER A 185 1.07 12.72 27.53
N GLU A 186 0.13 12.71 26.57
CA GLU A 186 0.40 12.06 25.29
C GLU A 186 1.46 12.83 24.50
N LEU A 187 1.42 14.16 24.55
CA LEU A 187 2.47 14.95 23.92
C LEU A 187 3.80 14.75 24.64
N ASP A 188 3.77 14.62 25.97
CA ASP A 188 4.99 14.32 26.71
C ASP A 188 5.59 12.99 26.27
N TRP A 189 4.76 11.97 26.10
CA TRP A 189 5.26 10.68 25.65
C TRP A 189 5.77 10.76 24.22
N CYS A 190 5.10 11.54 23.36
CA CYS A 190 5.54 11.68 21.98
C CYS A 190 6.87 12.43 21.91
N ASN A 191 7.06 13.43 22.76
CA ASN A 191 8.33 14.14 22.80
C ASN A 191 9.47 13.25 23.27
N GLU A 192 9.18 12.32 24.19
CA GLU A 192 10.21 11.39 24.64
C GLU A 192 10.56 10.39 23.55
N MET A 193 9.57 9.95 22.78
CA MET A 193 9.84 9.03 21.68
C MET A 193 10.77 9.69 20.66
N LEU A 194 10.51 10.95 20.32
CA LEU A 194 11.38 11.64 19.38
C LEU A 194 12.75 11.95 19.97
N ARG A 195 12.83 12.07 21.30
CA ARG A 195 14.13 12.28 21.92
C ARG A 195 14.99 11.03 21.82
N VAL A 196 14.38 9.85 21.97
CA VAL A 196 15.14 8.60 21.86
C VAL A 196 15.56 8.36 20.42
N ASP A 197 14.71 8.72 19.45
CA ASP A 197 15.02 8.54 18.04
C ASP A 197 14.27 9.62 17.26
N GLY A 198 14.97 10.71 16.95
CA GLY A 198 14.37 11.78 16.16
C GLY A 198 14.07 11.41 14.72
N ARG A 199 14.59 10.27 14.26
CA ARG A 199 14.33 9.78 12.92
C ARG A 199 13.12 8.85 12.86
N ASN A 200 12.35 8.75 13.93
CA ASN A 200 11.13 7.94 13.94
C ASN A 200 10.02 8.75 13.28
N ASN A 201 9.82 8.51 11.98
CA ASN A 201 8.78 9.25 11.25
C ASN A 201 7.38 8.93 11.77
N SER A 202 7.19 7.78 12.41
CA SER A 202 5.89 7.46 12.98
C SER A 202 5.56 8.39 14.13
N ALA A 203 6.55 8.73 14.96
CA ALA A 203 6.31 9.65 16.07
C ALA A 203 6.10 11.08 15.57
N TRP A 204 6.76 11.45 14.47
CA TRP A 204 6.51 12.77 13.87
C TRP A 204 5.06 12.87 13.40
N GLY A 205 4.55 11.81 12.78
CA GLY A 205 3.15 11.82 12.36
C GLY A 205 2.20 11.88 13.54
N TRP A 206 2.57 11.21 14.64
CA TRP A 206 1.73 11.28 15.84
C TRP A 206 1.73 12.68 16.43
N ARG A 207 2.86 13.37 16.38
CA ARG A 207 2.90 14.76 16.84
C ARG A 207 2.01 15.65 15.98
N TRP A 208 1.98 15.39 14.66
CA TRP A 208 1.11 16.16 13.78
C TRP A 208 -0.35 16.00 14.17
N TYR A 209 -0.74 14.80 14.56
CA TYR A 209 -2.11 14.59 15.05
C TYR A 209 -2.35 15.38 16.33
N LEU A 210 -1.42 15.26 17.28
CA LEU A 210 -1.61 15.89 18.59
C LEU A 210 -1.59 17.41 18.50
N ARG A 211 -0.83 17.97 17.57
CA ARG A 211 -0.62 19.41 17.52
C ARG A 211 -1.40 20.12 16.41
N VAL A 212 -1.78 19.42 15.35
CA VAL A 212 -2.32 20.09 14.17
C VAL A 212 -3.68 19.53 13.77
N SER A 213 -3.73 18.24 13.47
CA SER A 213 -4.87 17.70 12.72
C SER A 213 -6.06 17.36 13.61
N ARG A 214 -5.83 17.00 14.87
CA ARG A 214 -6.95 16.61 15.72
C ARG A 214 -7.90 17.79 15.90
N PRO A 215 -9.21 17.56 15.97
CA PRO A 215 -10.16 18.68 15.99
C PRO A 215 -10.01 19.60 17.19
N GLY A 216 -9.60 19.07 18.34
CA GLY A 216 -9.45 19.89 19.52
C GLY A 216 -8.14 20.63 19.67
N ALA A 217 -7.31 20.62 18.64
CA ALA A 217 -6.00 21.26 18.73
C ALA A 217 -6.14 22.78 18.76
N GLU A 218 -5.29 23.43 19.55
CA GLU A 218 -5.28 24.87 19.66
C GLU A 218 -4.48 25.49 18.52
N THR A 219 -5.04 26.51 17.87
CA THR A 219 -4.37 27.25 16.81
C THR A 219 -4.32 28.72 17.21
N SER A 220 -3.19 29.15 17.77
CA SER A 220 -2.99 30.53 18.18
C SER A 220 -1.58 30.95 17.80
N SER A 221 -1.26 32.22 18.04
CA SER A 221 0.07 32.73 17.74
C SER A 221 1.13 32.06 18.62
N ARG A 222 0.77 31.72 19.86
CA ARG A 222 1.71 31.03 20.74
C ARG A 222 1.97 29.60 20.27
N SER A 223 0.91 28.89 19.86
CA SER A 223 1.09 27.51 19.41
C SER A 223 1.90 27.44 18.12
N LEU A 224 1.67 28.38 17.21
CA LEU A 224 2.46 28.41 15.97
C LEU A 224 3.91 28.74 16.26
N GLN A 225 4.18 29.62 17.24
CA GLN A 225 5.56 29.91 17.61
C GLN A 225 6.21 28.71 18.29
N ASP A 226 5.49 28.07 19.22
CA ASP A 226 6.05 26.91 19.91
C ASP A 226 6.35 25.78 18.94
N GLU A 227 5.45 25.53 17.99
CA GLU A 227 5.67 24.44 17.05
C GLU A 227 6.85 24.73 16.12
N LEU A 228 6.93 25.96 15.61
CA LEU A 228 8.05 26.32 14.75
C LEU A 228 9.38 26.24 15.47
N ILE A 229 9.40 26.52 16.78
CA ILE A 229 10.63 26.39 17.55
C ILE A 229 11.04 24.93 17.67
N TYR A 230 10.08 24.05 17.97
CA TYR A 230 10.39 22.63 18.09
C TYR A 230 10.88 22.06 16.76
N ILE A 231 10.31 22.52 15.65
CA ILE A 231 10.73 22.02 14.34
C ILE A 231 12.16 22.47 14.03
N LEU A 232 12.43 23.77 14.19
CA LEU A 232 13.76 24.27 13.87
C LEU A 232 14.82 23.67 14.78
N LYS A 233 14.50 23.49 16.07
CA LYS A 233 15.43 22.83 16.97
C LYS A 233 15.72 21.40 16.53
N SER A 234 14.69 20.69 16.05
CA SER A 234 14.89 19.32 15.61
C SER A 234 15.76 19.27 14.35
N ILE A 235 15.59 20.23 13.45
CA ILE A 235 16.43 20.30 12.26
C ILE A 235 17.87 20.62 12.64
N HIS A 236 18.06 21.60 13.53
CA HIS A 236 19.41 21.96 13.94
C HIS A 236 20.10 20.82 14.66
N LEU A 237 19.34 19.94 15.32
CA LEU A 237 19.94 18.78 15.98
C LEU A 237 20.33 17.71 14.97
N ILE A 238 19.46 17.42 14.01
CA ILE A 238 19.75 16.44 12.96
C ILE A 238 19.46 17.08 11.60
N PRO A 239 20.42 17.81 11.02
CA PRO A 239 20.14 18.54 9.77
C PRO A 239 19.76 17.67 8.59
N HIS A 240 20.12 16.38 8.58
CA HIS A 240 19.80 15.50 7.48
C HIS A 240 18.58 14.63 7.76
N ASN A 241 17.80 14.94 8.79
CA ASN A 241 16.60 14.18 9.11
C ASN A 241 15.48 14.60 8.17
N VAL A 242 15.13 13.71 7.24
CA VAL A 242 14.07 14.01 6.27
C VAL A 242 12.74 14.21 6.96
N SER A 243 12.50 13.49 8.06
CA SER A 243 11.24 13.63 8.78
C SER A 243 11.02 15.06 9.26
N ALA A 244 12.07 15.68 9.81
CA ALA A 244 11.94 17.05 10.30
C ALA A 244 11.70 18.03 9.16
N TRP A 245 12.34 17.81 8.01
CA TRP A 245 12.14 18.70 6.87
C TRP A 245 10.73 18.58 6.31
N ASN A 246 10.24 17.34 6.16
CA ASN A 246 8.87 17.16 5.68
C ASN A 246 7.86 17.76 6.65
N TYR A 247 8.09 17.62 7.95
CA TYR A 247 7.20 18.22 8.93
C TYR A 247 7.21 19.75 8.80
N LEU A 248 8.38 20.33 8.58
CA LEU A 248 8.48 21.77 8.41
C LEU A 248 7.71 22.24 7.18
N ARG A 249 7.91 21.55 6.04
CA ARG A 249 7.21 21.95 4.82
C ARG A 249 5.72 21.75 4.94
N GLY A 250 5.29 20.66 5.60
CA GLY A 250 3.87 20.46 5.82
C GLY A 250 3.28 21.49 6.77
N PHE A 251 4.04 21.86 7.81
CA PHE A 251 3.56 22.84 8.77
C PHE A 251 3.33 24.19 8.10
N LEU A 252 4.33 24.68 7.36
CA LEU A 252 4.20 25.98 6.71
C LEU A 252 3.08 25.98 5.68
N LYS A 253 2.94 24.89 4.93
CA LYS A 253 1.90 24.83 3.90
C LYS A 253 0.52 24.74 4.52
N HIS A 254 0.38 23.99 5.61
CA HIS A 254 -0.93 23.81 6.23
C HIS A 254 -1.48 25.12 6.77
N PHE A 255 -0.61 25.96 7.34
CA PHE A 255 -1.02 27.23 7.94
C PHE A 255 -0.75 28.42 7.03
N SER A 256 -0.34 28.17 5.78
CA SER A 256 -0.08 29.24 4.81
C SER A 256 0.95 30.23 5.33
N LEU A 257 2.02 29.71 5.93
CA LEU A 257 3.05 30.59 6.47
C LEU A 257 4.15 30.82 5.44
N PRO A 258 4.66 32.04 5.34
CA PRO A 258 5.71 32.33 4.36
C PRO A 258 7.01 31.60 4.71
N LEU A 259 7.81 31.34 3.68
CA LEU A 259 9.09 30.68 3.85
C LEU A 259 10.24 31.64 4.07
N VAL A 260 10.13 32.88 3.56
CA VAL A 260 11.24 33.82 3.63
C VAL A 260 11.61 34.19 5.06
N PRO A 261 10.67 34.50 5.97
CA PRO A 261 11.09 34.89 7.33
C PRO A 261 11.92 33.86 8.05
N ILE A 262 11.76 32.58 7.74
CA ILE A 262 12.54 31.52 8.39
C ILE A 262 13.80 31.18 7.61
N LEU A 263 14.04 31.84 6.47
CA LEU A 263 15.21 31.51 5.66
C LEU A 263 16.55 31.68 6.38
N PRO A 264 16.75 32.66 7.29
CA PRO A 264 18.03 32.73 8.00
C PRO A 264 18.41 31.46 8.73
N ALA A 265 17.45 30.66 9.19
CA ALA A 265 17.75 29.40 9.87
C ALA A 265 18.01 28.26 8.91
N ILE A 266 17.71 28.45 7.62
CA ILE A 266 17.89 27.41 6.62
C ILE A 266 19.12 27.66 5.74
N LEU A 267 19.46 28.93 5.47
CA LEU A 267 20.58 29.21 4.57
C LEU A 267 21.91 28.58 4.97
N PRO A 268 22.29 28.48 6.25
CA PRO A 268 23.57 27.81 6.58
C PRO A 268 23.66 26.37 6.09
N TYR A 269 22.55 25.73 5.77
CA TYR A 269 22.56 24.37 5.24
C TYR A 269 22.60 24.33 3.73
N THR A 270 22.55 25.48 3.05
CA THR A 270 22.58 25.53 1.60
C THR A 270 23.97 25.81 1.04
N ALA A 271 24.98 25.89 1.89
CA ALA A 271 26.34 26.18 1.45
C ALA A 271 26.94 24.97 0.73
N PHE A 284 18.05 35.79 14.74
CA PHE A 284 16.67 36.36 14.73
C PHE A 284 15.86 35.75 15.88
N GLY A 285 14.55 35.91 15.86
CA GLY A 285 13.69 35.43 16.92
C GLY A 285 13.41 33.94 16.96
N PHE A 286 14.08 33.15 16.14
CA PHE A 286 13.88 31.71 16.08
C PHE A 286 15.22 30.99 16.18
N PRO A 287 15.22 29.72 16.57
CA PRO A 287 16.50 29.00 16.76
C PRO A 287 17.34 29.00 15.48
N MET A 288 18.65 29.03 15.67
CA MET A 288 19.64 29.06 14.61
C MET A 288 20.57 27.86 14.73
N PRO A 289 21.24 27.48 13.65
CA PRO A 289 22.21 26.38 13.73
C PRO A 289 23.37 26.73 14.64
N SER A 290 24.04 25.70 15.11
CA SER A 290 25.26 25.79 15.95
C SER A 290 26.37 26.54 15.20
N ASP A 291 27.15 27.36 15.93
CA ASP A 291 28.24 28.22 15.38
C ASP A 291 29.10 27.37 14.49
N PRO A 292 29.65 26.27 15.02
CA PRO A 292 30.28 25.28 14.22
C PRO A 292 29.16 24.23 14.13
N LEU A 293 28.87 23.78 12.93
CA LEU A 293 27.88 22.75 12.64
C LEU A 293 28.34 21.41 13.22
N PRO A 294 27.40 20.54 13.60
CA PRO A 294 27.78 19.23 14.15
C PRO A 294 28.63 18.45 13.15
N GLU A 295 29.51 17.61 13.68
CA GLU A 295 30.36 16.79 12.84
C GLU A 295 29.52 15.81 12.02
N ASP A 296 30.08 15.39 10.89
CA ASP A 296 29.39 14.50 9.95
C ASP A 296 28.09 15.15 9.45
N THR A 297 28.21 16.39 8.99
CA THR A 297 27.10 17.14 8.40
C THR A 297 27.56 17.73 7.08
N PRO A 298 27.68 16.90 6.03
CA PRO A 298 28.14 17.42 4.74
C PRO A 298 27.10 18.36 4.13
N LEU A 299 27.60 19.42 3.51
CA LEU A 299 26.78 20.45 2.90
C LEU A 299 26.90 20.41 1.37
N PRO A 300 25.86 20.83 0.64
CA PRO A 300 24.58 21.33 1.17
C PRO A 300 23.56 20.23 1.43
N VAL A 301 22.59 20.52 2.30
CA VAL A 301 21.48 19.61 2.56
C VAL A 301 20.49 19.74 1.40
N PRO A 302 20.19 18.65 0.68
CA PRO A 302 19.33 18.78 -0.51
C PRO A 302 17.96 19.38 -0.22
N LEU A 303 17.30 18.96 0.85
CA LEU A 303 16.00 19.54 1.18
C LEU A 303 16.10 20.99 1.63
N ALA A 304 17.28 21.42 2.11
CA ALA A 304 17.48 22.84 2.36
C ALA A 304 17.53 23.62 1.06
N LEU A 305 18.10 23.03 0.01
CA LEU A 305 18.08 23.67 -1.30
C LEU A 305 16.66 23.74 -1.86
N GLU A 306 15.86 22.70 -1.63
CA GLU A 306 14.45 22.76 -2.02
C GLU A 306 13.73 23.89 -1.31
N TYR A 307 14.01 24.09 -0.03
CA TYR A 307 13.45 25.22 0.70
C TYR A 307 13.87 26.54 0.07
N LEU A 308 15.16 26.67 -0.26
CA LEU A 308 15.65 27.89 -0.87
C LEU A 308 15.00 28.15 -2.21
N ALA A 309 14.84 27.09 -3.03
CA ALA A 309 14.22 27.25 -4.34
C ALA A 309 12.76 27.65 -4.21
N ASP A 310 12.02 27.01 -3.30
CA ASP A 310 10.62 27.37 -3.10
C ASP A 310 10.49 28.78 -2.54
N SER A 311 11.41 29.19 -1.67
CA SER A 311 11.39 30.56 -1.17
C SER A 311 11.70 31.56 -2.28
N PHE A 312 12.52 31.18 -3.25
CA PHE A 312 12.74 32.03 -4.42
C PHE A 312 11.46 32.17 -5.24
N ILE A 313 10.73 31.07 -5.41
CA ILE A 313 9.45 31.12 -6.12
C ILE A 313 8.46 32.00 -5.36
N GLU A 314 8.51 31.96 -4.03
CA GLU A 314 7.66 32.84 -3.22
C GLU A 314 7.97 34.30 -3.50
N GLN A 315 9.22 34.63 -3.78
CA GLN A 315 9.63 35.99 -4.13
C GLN A 315 9.53 36.26 -5.63
N ASN A 316 8.90 35.36 -6.39
CA ASN A 316 8.77 35.46 -7.84
C ASN A 316 10.12 35.53 -8.54
N ARG A 317 11.17 35.03 -7.90
CA ARG A 317 12.51 34.97 -8.50
C ARG A 317 12.71 33.61 -9.15
N VAL A 318 12.00 33.41 -10.26
CA VAL A 318 11.98 32.11 -10.91
C VAL A 318 13.35 31.76 -11.49
N ASP A 319 14.13 32.77 -11.90
CA ASP A 319 15.45 32.49 -12.44
C ASP A 319 16.39 31.96 -11.36
N ASP A 320 16.33 32.56 -10.17
CA ASP A 320 17.14 32.06 -9.06
C ASP A 320 16.68 30.68 -8.60
N ALA A 321 15.37 30.42 -8.68
CA ALA A 321 14.87 29.09 -8.31
C ALA A 321 15.30 28.04 -9.32
N ALA A 322 15.30 28.39 -10.61
CA ALA A 322 15.72 27.43 -11.64
C ALA A 322 17.18 27.04 -11.47
N LYS A 323 18.02 27.96 -10.99
CA LYS A 323 19.43 27.64 -10.77
C LYS A 323 19.59 26.66 -9.62
N VAL A 324 18.76 26.78 -8.59
CA VAL A 324 18.83 25.84 -7.47
C VAL A 324 18.32 24.47 -7.90
N PHE A 325 17.24 24.42 -8.69
CA PHE A 325 16.75 23.15 -9.20
C PHE A 325 17.77 22.50 -10.12
N GLU A 326 18.49 23.31 -10.91
CA GLU A 326 19.49 22.77 -11.81
C GLU A 326 20.66 22.15 -11.03
N LYS A 327 21.04 22.78 -9.92
CA LYS A 327 22.12 22.22 -9.10
C LYS A 327 21.65 20.95 -8.38
N LEU A 328 20.38 20.92 -7.97
CA LEU A 328 19.85 19.69 -7.37
C LEU A 328 19.83 18.55 -8.37
N SER A 329 19.48 18.84 -9.63
CA SER A 329 19.37 17.80 -10.64
C SER A 329 20.74 17.26 -11.04
N SER A 330 21.72 18.15 -11.24
CA SER A 330 22.98 17.75 -11.84
C SER A 330 24.09 17.46 -10.83
N GLU A 331 23.92 17.84 -9.56
CA GLU A 331 25.02 17.68 -8.61
C GLU A 331 24.59 17.11 -7.26
N TYR A 332 23.71 17.80 -6.55
CA TYR A 332 23.50 17.53 -5.14
C TYR A 332 22.43 16.47 -4.85
N ASP A 333 21.53 16.21 -5.80
CA ASP A 333 20.49 15.20 -5.61
C ASP A 333 20.22 14.51 -6.96
N GLN A 334 21.25 13.85 -7.49
CA GLN A 334 21.20 13.35 -8.86
C GLN A 334 20.31 12.12 -9.02
N MET A 335 19.99 11.43 -7.92
CA MET A 335 19.04 10.32 -8.01
C MET A 335 17.68 10.80 -8.50
N ARG A 336 17.30 12.03 -8.18
CA ARG A 336 16.08 12.65 -8.66
C ARG A 336 16.38 13.71 -9.72
N ALA A 337 17.35 13.42 -10.59
CA ALA A 337 17.76 14.40 -11.60
C ALA A 337 16.60 14.79 -12.50
N GLY A 338 15.79 13.82 -12.91
CA GLY A 338 14.66 14.13 -13.78
C GLY A 338 13.58 14.93 -13.08
N TYR A 339 13.36 14.66 -11.80
CA TYR A 339 12.33 15.40 -11.06
C TYR A 339 12.74 16.86 -10.86
N TRP A 340 13.99 17.08 -10.45
CA TRP A 340 14.45 18.45 -10.27
C TRP A 340 14.56 19.19 -11.60
N GLU A 341 14.85 18.46 -12.69
CA GLU A 341 14.79 19.07 -14.02
C GLU A 341 13.38 19.47 -14.37
N PHE A 342 12.40 18.62 -14.03
CA PHE A 342 11.00 18.97 -14.23
C PHE A 342 10.63 20.23 -13.45
N ARG A 343 11.10 20.33 -12.20
CA ARG A 343 10.86 21.55 -11.42
C ARG A 343 11.59 22.75 -12.00
N ARG A 344 12.74 22.53 -12.64
CA ARG A 344 13.45 23.63 -13.27
C ARG A 344 12.69 24.15 -14.48
N ARG A 345 12.10 23.25 -15.27
CA ARG A 345 11.38 23.68 -16.47
C ARG A 345 10.08 24.37 -16.12
N GLU A 346 9.48 24.06 -14.97
CA GLU A 346 8.26 24.75 -14.56
C GLU A 346 8.51 26.22 -14.28
N CYS A 347 9.74 26.58 -13.91
CA CYS A 347 10.06 27.98 -13.64
C CYS A 347 9.96 28.83 -14.90
N ALA A 348 10.06 28.24 -16.07
CA ALA A 348 9.96 28.97 -17.32
C ALA A 348 8.50 29.08 -17.77
N ALA B 2 18.17 9.33 -23.73
CA ALA B 2 16.97 8.79 -23.03
C ALA B 2 17.29 8.54 -21.56
N THR B 3 18.57 8.35 -21.25
CA THR B 3 19.07 8.14 -19.89
C THR B 3 19.86 9.34 -19.37
N GLU B 4 19.61 10.53 -19.91
CA GLU B 4 20.38 11.70 -19.50
C GLU B 4 20.08 12.08 -18.05
N PHE B 5 18.83 11.91 -17.62
CA PHE B 5 18.41 12.27 -16.27
C PHE B 5 18.15 11.05 -15.38
N THR B 6 18.55 9.86 -15.83
CA THR B 6 18.44 8.64 -15.04
C THR B 6 19.83 8.03 -14.89
N PRO B 7 20.69 8.62 -14.05
CA PRO B 7 22.08 8.14 -13.96
C PRO B 7 22.16 6.77 -13.30
N SER B 8 23.10 5.97 -13.78
CA SER B 8 23.34 4.66 -13.19
C SER B 8 23.91 4.80 -11.78
N VAL B 9 23.59 3.82 -10.94
CA VAL B 9 24.11 3.81 -9.57
C VAL B 9 25.62 3.67 -9.58
N TYR B 10 26.16 2.89 -10.53
CA TYR B 10 27.60 2.71 -10.63
C TYR B 10 28.32 3.98 -11.06
N SER B 11 27.61 4.94 -11.63
CA SER B 11 28.21 6.19 -12.09
C SER B 11 28.10 7.31 -11.06
N LEU B 12 27.48 7.05 -9.92
CA LEU B 12 27.32 8.06 -8.87
C LEU B 12 28.14 7.69 -7.65
N VAL B 13 28.57 8.71 -6.91
CA VAL B 13 29.36 8.48 -5.71
C VAL B 13 28.44 7.95 -4.61
N SER B 14 28.79 6.80 -4.05
CA SER B 14 28.01 6.18 -3.00
C SER B 14 28.52 6.65 -1.64
N LYS B 15 27.67 7.38 -0.92
CA LYS B 15 28.01 7.88 0.40
C LYS B 15 26.92 7.50 1.40
N PRO B 16 27.30 7.12 2.62
CA PRO B 16 26.29 6.76 3.62
C PRO B 16 25.45 7.96 4.04
N LEU B 17 24.33 7.65 4.67
CA LEU B 17 23.50 8.70 5.24
C LEU B 17 24.27 9.38 6.37
N PRO B 18 24.41 10.71 6.33
CA PRO B 18 25.16 11.40 7.39
C PRO B 18 24.53 11.18 8.76
N SER B 19 25.39 11.15 9.78
CA SER B 19 24.95 10.92 11.15
C SER B 19 24.66 12.20 11.92
N ASN B 20 25.28 13.31 11.54
CA ASN B 20 25.17 14.58 12.27
C ASN B 20 25.62 14.42 13.72
N SER B 21 26.42 13.41 13.95
CA SER B 21 26.94 13.03 15.29
C SER B 21 25.78 12.72 16.22
N ARG B 22 24.66 12.33 15.65
CA ARG B 22 23.48 11.97 16.48
C ARG B 22 23.07 10.53 16.19
N PRO B 23 23.60 9.53 16.88
CA PRO B 23 23.21 8.19 16.61
C PRO B 23 21.78 7.86 17.07
N SER B 24 21.17 6.88 16.40
CA SER B 24 19.84 6.42 16.80
C SER B 24 19.65 5.03 16.20
N ALA B 25 18.56 4.39 16.64
CA ALA B 25 18.26 3.04 16.15
C ALA B 25 17.97 3.04 14.66
N THR B 26 17.32 4.11 14.16
CA THR B 26 17.06 4.21 12.72
C THR B 26 18.36 4.22 11.93
N LEU B 27 19.35 4.98 12.40
CA LEU B 27 20.62 5.07 11.69
C LEU B 27 21.39 3.76 11.76
N ASP B 28 21.23 3.00 12.83
CA ASP B 28 21.94 1.71 12.95
C ASP B 28 21.50 0.74 11.87
N GLU B 29 20.19 0.62 11.65
CA GLU B 29 19.70 -0.29 10.62
C GLU B 29 19.98 0.24 9.23
N GLN B 30 19.91 1.56 9.05
CA GLN B 30 20.19 2.14 7.74
C GLN B 30 21.64 1.91 7.34
N ALA B 31 22.58 2.13 8.27
CA ALA B 31 23.99 1.94 7.96
C ALA B 31 24.29 0.47 7.67
N GLU B 32 23.65 -0.44 8.41
CA GLU B 32 23.85 -1.87 8.15
C GLU B 32 23.26 -2.27 6.81
N THR B 33 22.11 -1.69 6.45
CA THR B 33 21.50 -1.98 5.16
C THR B 33 22.33 -1.40 4.01
N GLU B 34 22.91 -0.21 4.22
CA GLU B 34 23.79 0.37 3.21
C GLU B 34 24.99 -0.53 2.96
N ASP B 35 25.54 -1.14 4.01
CA ASP B 35 26.68 -2.03 3.85
C ASP B 35 26.29 -3.27 3.02
N LEU B 36 25.15 -3.88 3.34
CA LEU B 36 24.73 -5.09 2.64
C LEU B 36 24.52 -4.83 1.14
N ILE B 37 23.83 -3.73 0.82
CA ILE B 37 23.50 -3.47 -0.58
C ILE B 37 24.75 -3.04 -1.34
N SER B 38 25.57 -2.17 -0.75
CA SER B 38 26.75 -1.68 -1.44
C SER B 38 27.76 -2.80 -1.71
N GLN B 39 27.89 -3.74 -0.77
CA GLN B 39 28.78 -4.87 -0.99
C GLN B 39 28.31 -5.74 -2.15
N LEU B 40 26.99 -5.93 -2.27
CA LEU B 40 26.47 -6.75 -3.35
C LEU B 40 26.68 -6.09 -4.71
N PHE B 41 26.56 -4.77 -4.78
CA PHE B 41 26.84 -4.05 -6.02
C PHE B 41 28.33 -4.11 -6.35
N ASP B 42 29.20 -4.10 -5.34
CA ASP B 42 30.63 -4.20 -5.59
C ASP B 42 31.02 -5.58 -6.12
N LEU B 43 30.28 -6.62 -5.72
CA LEU B 43 30.55 -7.97 -6.19
C LEU B 43 29.88 -8.26 -7.54
N THR B 44 29.09 -7.33 -8.07
CA THR B 44 28.33 -7.54 -9.29
C THR B 44 28.85 -6.63 -10.39
N ALA B 45 28.98 -7.19 -11.59
CA ALA B 45 29.42 -6.40 -12.74
C ALA B 45 28.36 -5.36 -13.11
N ASP B 46 28.83 -4.20 -13.56
CA ASP B 46 27.94 -3.13 -14.00
C ASP B 46 27.05 -3.63 -15.15
N PRO B 47 25.73 -3.62 -14.99
CA PRO B 47 24.86 -4.12 -16.07
C PRO B 47 24.97 -3.32 -17.36
N ASN B 48 25.45 -2.08 -17.30
CA ASN B 48 25.53 -1.22 -18.47
C ASN B 48 26.84 -1.37 -19.23
N ALA B 49 27.53 -2.46 -18.96
CA ALA B 49 28.84 -2.75 -19.58
C ALA B 49 28.62 -3.61 -20.80
N LEU B 50 29.28 -3.25 -21.90
CA LEU B 50 29.22 -3.95 -23.21
C LEU B 50 29.72 -5.38 -23.08
N VAL B 51 30.72 -5.64 -22.22
CA VAL B 51 31.18 -7.02 -21.93
C VAL B 51 31.33 -7.17 -20.41
N SER B 52 30.60 -8.12 -19.82
CA SER B 52 30.61 -8.32 -18.36
C SER B 52 32.02 -8.63 -17.82
N GLU B 53 32.34 -8.05 -16.66
CA GLU B 53 33.66 -8.09 -16.04
C GLU B 53 33.98 -9.48 -15.50
N HIS B 54 35.22 -9.93 -15.72
CA HIS B 54 35.65 -11.23 -15.25
C HIS B 54 35.86 -11.19 -13.73
N GLY B 55 35.36 -12.21 -13.04
CA GLY B 55 35.53 -12.32 -11.61
C GLY B 55 34.37 -11.80 -10.78
N LYS B 56 33.39 -11.16 -11.41
CA LYS B 56 32.24 -10.61 -10.69
C LYS B 56 30.96 -11.28 -11.18
N ARG B 57 29.92 -11.16 -10.35
CA ARG B 57 28.64 -11.80 -10.67
C ARG B 57 27.96 -11.08 -11.82
N TYR B 58 27.29 -11.87 -12.67
CA TYR B 58 26.51 -11.33 -13.78
C TYR B 58 25.09 -11.05 -13.30
N SER B 59 24.59 -9.86 -13.62
CA SER B 59 23.32 -9.38 -13.08
C SER B 59 22.13 -9.63 -14.00
N GLY B 60 22.29 -10.44 -15.04
CA GLY B 60 21.18 -10.69 -15.93
C GLY B 60 20.00 -11.31 -15.21
N LEU B 61 18.80 -10.94 -15.65
CA LEU B 61 17.57 -11.42 -15.02
C LEU B 61 17.46 -12.93 -15.23
N ARG B 62 17.55 -13.69 -14.15
CA ARG B 62 17.55 -15.16 -14.21
C ARG B 62 16.10 -15.65 -14.29
N LYS B 63 15.52 -15.47 -15.48
CA LYS B 63 14.08 -15.69 -15.67
C LYS B 63 13.71 -17.16 -15.47
N GLN B 64 14.57 -18.08 -15.88
CA GLN B 64 14.27 -19.50 -15.70
C GLN B 64 14.33 -19.91 -14.24
N GLU B 65 15.24 -19.31 -13.46
CA GLU B 65 15.25 -19.58 -12.02
C GLU B 65 13.99 -19.06 -11.37
N HIS B 66 13.53 -17.87 -11.76
CA HIS B 66 12.30 -17.31 -11.20
C HIS B 66 11.09 -18.13 -11.63
N THR B 67 11.10 -18.63 -12.86
CA THR B 67 10.02 -19.51 -13.30
C THR B 67 9.97 -20.78 -12.47
N GLN B 68 11.14 -21.38 -12.19
CA GLN B 68 11.18 -22.58 -11.37
C GLN B 68 10.78 -22.30 -9.93
N PHE B 69 11.17 -21.13 -9.41
CA PHE B 69 10.77 -20.75 -8.05
C PHE B 69 9.26 -20.64 -7.95
N LEU B 70 8.63 -19.99 -8.94
CA LEU B 70 7.18 -19.87 -8.94
C LEU B 70 6.50 -21.20 -9.17
N ALA B 71 7.11 -22.09 -9.96
CA ALA B 71 6.48 -23.36 -10.29
C ALA B 71 6.36 -24.25 -9.05
N SER B 72 7.45 -24.40 -8.30
CA SER B 72 7.43 -25.27 -7.13
C SER B 72 6.52 -24.70 -6.04
N SER B 73 6.50 -23.37 -5.90
CA SER B 73 5.64 -22.71 -4.92
C SER B 73 4.18 -22.64 -5.37
N PHE B 74 3.88 -23.08 -6.60
CA PHE B 74 2.53 -23.02 -7.15
C PHE B 74 1.82 -24.36 -7.09
N PHE B 75 2.55 -25.47 -7.06
N PHE B 75 2.56 -25.47 -7.07
CA PHE B 75 1.93 -26.79 -7.02
CA PHE B 75 1.97 -26.80 -7.04
C PHE B 75 1.89 -27.41 -5.63
C PHE B 75 1.88 -27.38 -5.63
N GLN B 76 2.70 -26.91 -4.69
CA GLN B 76 2.68 -27.41 -3.32
C GLN B 76 3.42 -26.43 -2.41
N LEU B 77 2.74 -26.01 -1.34
CA LEU B 77 3.28 -25.20 -0.26
C LEU B 77 3.54 -26.07 0.95
N PRO B 78 4.69 -25.95 1.60
CA PRO B 78 4.91 -26.65 2.86
C PRO B 78 4.04 -26.07 3.97
N GLY B 79 3.78 -26.87 4.99
CA GLY B 79 2.85 -26.51 6.06
C GLY B 79 3.18 -25.22 6.76
N LYS B 80 4.41 -24.73 6.60
CA LYS B 80 4.95 -23.51 7.26
C LYS B 80 4.31 -22.26 6.70
N PHE B 81 3.72 -22.33 5.52
CA PHE B 81 2.99 -21.19 4.94
C PHE B 81 1.51 -21.27 5.33
N VAL B 82 1.20 -21.88 6.47
CA VAL B 82 -0.21 -21.89 6.83
C VAL B 82 -0.74 -20.48 7.09
N SER B 83 0.15 -19.53 7.41
CA SER B 83 -0.28 -18.16 7.63
C SER B 83 -0.85 -17.52 6.38
N LEU B 84 -0.63 -18.13 5.21
CA LEU B 84 -1.20 -17.66 3.96
C LEU B 84 -2.42 -18.46 3.54
N ASP B 85 -2.99 -19.26 4.45
CA ASP B 85 -4.15 -20.06 4.10
C ASP B 85 -5.37 -19.20 3.75
N ALA B 86 -5.44 -17.99 4.29
CA ALA B 86 -6.50 -17.06 3.97
C ALA B 86 -6.11 -16.09 2.85
N SER B 87 -5.01 -16.36 2.14
CA SER B 87 -4.54 -15.48 1.08
C SER B 87 -4.17 -16.28 -0.16
N ARG B 88 -4.79 -17.45 -0.33
CA ARG B 88 -4.47 -18.28 -1.49
C ARG B 88 -4.76 -17.63 -2.83
N PRO B 89 -5.84 -16.85 -3.01
CA PRO B 89 -5.98 -16.10 -4.27
C PRO B 89 -4.81 -15.17 -4.55
N TRP B 90 -4.14 -14.66 -3.52
CA TRP B 90 -2.94 -13.85 -3.74
C TRP B 90 -1.78 -14.72 -4.20
N LEU B 91 -1.67 -15.94 -3.66
CA LEU B 91 -0.66 -16.86 -4.17
C LEU B 91 -0.87 -17.18 -5.64
N VAL B 92 -2.14 -17.23 -6.08
CA VAL B 92 -2.42 -17.44 -7.49
C VAL B 92 -2.01 -16.22 -8.31
N PHE B 93 -2.46 -15.03 -7.90
CA PHE B 93 -2.18 -13.82 -8.66
C PHE B 93 -0.69 -13.54 -8.74
N TRP B 94 0.01 -13.60 -7.60
CA TRP B 94 1.46 -13.39 -7.60
C TRP B 94 2.15 -14.36 -8.52
N THR B 95 1.60 -15.57 -8.68
CA THR B 95 2.21 -16.56 -9.56
C THR B 95 1.88 -16.30 -11.02
N VAL B 96 0.60 -16.17 -11.34
CA VAL B 96 0.21 -16.09 -12.75
C VAL B 96 0.56 -14.74 -13.36
N HIS B 97 0.54 -13.67 -12.56
CA HIS B 97 0.95 -12.37 -13.09
C HIS B 97 2.45 -12.32 -13.33
N SER B 98 3.24 -12.91 -12.41
CA SER B 98 4.68 -12.96 -12.61
C SER B 98 5.04 -13.77 -13.85
N LEU B 99 4.36 -14.90 -14.07
CA LEU B 99 4.60 -15.69 -15.27
C LEU B 99 4.25 -14.90 -16.53
N ASP B 100 3.16 -14.11 -16.47
CA ASP B 100 2.84 -13.23 -17.58
C ASP B 100 3.96 -12.23 -17.84
N LEU B 101 4.48 -11.62 -16.77
CA LEU B 101 5.58 -10.68 -16.92
C LEU B 101 6.82 -11.38 -17.47
N LEU B 102 7.12 -12.57 -16.97
CA LEU B 102 8.28 -13.32 -17.42
C LEU B 102 8.09 -13.94 -18.81
N GLY B 103 6.91 -13.79 -19.41
CA GLY B 103 6.67 -14.33 -20.74
C GLY B 103 6.50 -15.83 -20.80
N VAL B 104 6.18 -16.48 -19.69
CA VAL B 104 6.01 -17.92 -19.64
C VAL B 104 4.52 -18.24 -19.68
N ALA B 105 4.13 -19.09 -20.63
CA ALA B 105 2.73 -19.45 -20.80
C ALA B 105 2.40 -20.72 -20.03
N LEU B 106 1.18 -20.75 -19.49
CA LEU B 106 0.64 -21.96 -18.88
C LEU B 106 -0.15 -22.74 -19.93
N ASP B 107 -0.07 -24.06 -19.88
CA ASP B 107 -0.90 -24.86 -20.76
C ASP B 107 -2.35 -24.78 -20.31
N GLN B 108 -3.26 -25.15 -21.23
CA GLN B 108 -4.68 -24.98 -20.95
C GLN B 108 -5.13 -25.82 -19.76
N GLY B 109 -4.51 -26.97 -19.54
CA GLY B 109 -4.89 -27.80 -18.41
C GLY B 109 -4.61 -27.12 -17.08
N THR B 110 -3.48 -26.41 -16.97
CA THR B 110 -3.17 -25.70 -15.74
C THR B 110 -4.07 -24.47 -15.58
N LYS B 111 -4.39 -23.80 -16.70
CA LYS B 111 -5.32 -22.67 -16.63
C LYS B 111 -6.68 -23.10 -16.13
N ASP B 112 -7.17 -24.24 -16.61
CA ASP B 112 -8.48 -24.73 -16.16
C ASP B 112 -8.46 -25.04 -14.67
N ARG B 113 -7.34 -25.57 -14.17
CA ARG B 113 -7.22 -25.82 -12.73
C ARG B 113 -7.23 -24.52 -11.95
N VAL B 114 -6.57 -23.48 -12.46
CA VAL B 114 -6.58 -22.17 -11.80
C VAL B 114 -7.99 -21.62 -11.75
N VAL B 115 -8.72 -21.70 -12.87
CA VAL B 115 -10.08 -21.18 -12.93
C VAL B 115 -10.98 -21.97 -11.98
N SER B 116 -10.88 -23.30 -12.01
CA SER B 116 -11.74 -24.13 -11.17
C SER B 116 -11.45 -23.91 -9.69
N THR B 117 -10.18 -23.74 -9.33
CA THR B 117 -9.84 -23.50 -7.93
C THR B 117 -10.42 -22.19 -7.44
N LEU B 118 -10.31 -21.13 -8.25
CA LEU B 118 -10.82 -19.82 -7.84
C LEU B 118 -12.34 -19.80 -7.74
N LEU B 119 -13.03 -20.54 -8.62
CA LEU B 119 -14.48 -20.58 -8.57
C LEU B 119 -14.99 -21.27 -7.30
N HIS B 120 -14.19 -22.18 -6.75
CA HIS B 120 -14.53 -22.76 -5.45
C HIS B 120 -14.39 -21.75 -4.31
N PHE B 121 -13.74 -20.61 -4.56
CA PHE B 121 -13.61 -19.57 -3.55
C PHE B 121 -14.74 -18.55 -3.63
N LEU B 122 -15.60 -18.65 -4.63
CA LEU B 122 -16.66 -17.68 -4.85
C LEU B 122 -17.90 -18.06 -4.02
N SER B 123 -18.37 -17.10 -3.22
CA SER B 123 -19.56 -17.36 -2.42
C SER B 123 -20.82 -17.02 -3.22
N PRO B 124 -21.87 -17.83 -3.08
CA PRO B 124 -23.13 -17.53 -3.78
C PRO B 124 -23.75 -16.20 -3.39
N LYS B 125 -23.47 -15.71 -2.19
CA LYS B 125 -24.01 -14.43 -1.73
C LYS B 125 -23.12 -13.25 -2.11
N GLY B 126 -22.01 -13.48 -2.80
CA GLY B 126 -21.23 -12.38 -3.34
C GLY B 126 -19.80 -12.30 -2.84
N GLY B 127 -18.85 -12.31 -3.76
CA GLY B 127 -17.45 -12.06 -3.44
C GLY B 127 -16.66 -13.34 -3.27
N PHE B 128 -15.34 -13.21 -3.42
CA PHE B 128 -14.40 -14.29 -3.20
C PHE B 128 -13.81 -14.21 -1.80
N GLY B 129 -13.52 -15.37 -1.22
CA GLY B 129 -12.78 -15.45 0.02
C GLY B 129 -11.34 -15.88 -0.21
N GLY B 130 -10.57 -15.89 0.88
CA GLY B 130 -9.20 -16.35 0.82
C GLY B 130 -9.04 -17.84 0.63
N GLY B 131 -10.13 -18.58 0.61
CA GLY B 131 -10.11 -20.01 0.42
C GLY B 131 -11.46 -20.51 -0.06
N PRO B 132 -11.67 -21.82 0.02
CA PRO B 132 -12.96 -22.38 -0.42
C PRO B 132 -14.13 -21.71 0.29
N ALA B 133 -15.23 -21.53 -0.45
CA ALA B 133 -16.40 -20.84 0.06
C ALA B 133 -16.99 -21.53 1.29
N ASN B 134 -16.80 -22.84 1.44
CA ASN B 134 -17.29 -23.55 2.61
C ASN B 134 -16.38 -23.41 3.82
N SER B 135 -15.36 -22.56 3.74
CA SER B 135 -14.40 -22.43 4.83
C SER B 135 -14.17 -20.96 5.21
N GLN B 136 -14.22 -20.07 4.23
CA GLN B 136 -13.89 -18.67 4.46
C GLN B 136 -14.97 -17.76 3.89
N ILE B 137 -15.24 -16.66 4.59
CA ILE B 137 -16.24 -15.68 4.18
C ILE B 137 -15.65 -14.77 3.12
N PRO B 138 -16.46 -14.10 2.30
CA PRO B 138 -15.92 -13.23 1.25
C PRO B 138 -15.10 -12.08 1.84
N HIS B 139 -14.16 -11.59 1.04
CA HIS B 139 -13.21 -10.59 1.49
C HIS B 139 -12.78 -9.76 0.28
N LEU B 140 -12.68 -8.44 0.48
CA LEU B 140 -12.44 -7.54 -0.64
C LEU B 140 -11.09 -7.82 -1.32
N LEU B 141 -10.07 -8.18 -0.53
CA LEU B 141 -8.74 -8.34 -1.11
C LEU B 141 -8.63 -9.62 -1.94
N PRO B 142 -9.05 -10.80 -1.47
CA PRO B 142 -9.08 -11.96 -2.37
C PRO B 142 -10.03 -11.80 -3.54
N THR B 143 -11.04 -10.93 -3.44
CA THR B 143 -11.91 -10.68 -4.57
C THR B 143 -11.15 -10.03 -5.72
N TYR B 144 -10.32 -9.03 -5.42
CA TYR B 144 -9.45 -8.45 -6.44
C TYR B 144 -8.50 -9.50 -7.00
N ALA B 145 -7.83 -10.25 -6.11
CA ALA B 145 -6.83 -11.21 -6.57
C ALA B 145 -7.47 -12.30 -7.42
N SER B 146 -8.69 -12.72 -7.09
CA SER B 146 -9.37 -13.74 -7.87
C SER B 146 -9.83 -13.20 -9.22
N VAL B 147 -10.41 -11.99 -9.23
CA VAL B 147 -10.87 -11.40 -10.49
C VAL B 147 -9.71 -11.19 -11.44
N CYS B 148 -8.58 -10.68 -10.93
CA CYS B 148 -7.42 -10.44 -11.79
C CYS B 148 -6.80 -11.75 -12.24
N SER B 149 -6.77 -12.76 -11.37
CA SER B 149 -6.23 -14.06 -11.77
C SER B 149 -7.10 -14.71 -12.84
N LEU B 150 -8.42 -14.53 -12.75
CA LEU B 150 -9.30 -15.02 -13.80
C LEU B 150 -9.10 -14.27 -15.10
N ALA B 151 -8.71 -12.99 -15.02
CA ALA B 151 -8.38 -12.25 -16.22
C ALA B 151 -7.11 -12.78 -16.88
N ILE B 152 -6.20 -13.34 -16.09
CA ILE B 152 -4.92 -13.83 -16.60
C ILE B 152 -5.03 -15.26 -17.11
N ALA B 153 -5.76 -16.12 -16.39
CA ALA B 153 -5.81 -17.54 -16.70
C ALA B 153 -7.13 -18.00 -17.31
N GLY B 154 -8.17 -17.17 -17.29
CA GLY B 154 -9.48 -17.56 -17.80
C GLY B 154 -9.69 -17.18 -19.25
N ASN B 155 -10.91 -17.43 -19.72
CA ASN B 155 -11.30 -17.12 -21.08
C ASN B 155 -12.82 -17.00 -21.13
N ASP B 156 -13.36 -16.80 -22.34
CA ASP B 156 -14.77 -16.51 -22.53
C ASP B 156 -15.60 -17.74 -22.88
N SER B 157 -15.04 -18.94 -22.78
CA SER B 157 -15.79 -20.14 -23.09
C SER B 157 -16.66 -20.53 -21.89
N SER B 158 -17.32 -21.69 -22.01
CA SER B 158 -18.13 -22.19 -20.92
C SER B 158 -17.29 -22.64 -19.73
N THR B 159 -16.03 -23.01 -19.95
CA THR B 159 -15.13 -23.42 -18.90
C THR B 159 -14.10 -22.34 -18.56
N GLY B 160 -14.28 -21.11 -19.05
CA GLY B 160 -13.32 -20.05 -18.86
C GLY B 160 -13.46 -19.25 -17.59
N GLY B 161 -14.57 -19.40 -16.86
CA GLY B 161 -14.78 -18.70 -15.62
C GLY B 161 -15.30 -17.28 -15.76
N TRP B 162 -15.12 -16.65 -16.92
CA TRP B 162 -15.62 -15.28 -17.08
C TRP B 162 -17.14 -15.23 -17.05
N LYS B 163 -17.80 -16.27 -17.59
CA LYS B 163 -19.26 -16.30 -17.56
C LYS B 163 -19.78 -16.45 -16.13
N ASP B 164 -18.98 -17.05 -15.24
CA ASP B 164 -19.40 -17.16 -13.84
C ASP B 164 -19.28 -15.82 -13.14
N LEU B 165 -18.26 -15.02 -13.48
CA LEU B 165 -18.15 -13.68 -12.93
C LEU B 165 -19.32 -12.81 -13.39
N ALA B 166 -19.72 -12.95 -14.66
CA ALA B 166 -20.84 -12.18 -15.16
C ALA B 166 -22.14 -12.53 -14.43
N ALA B 167 -22.34 -13.81 -14.14
CA ALA B 167 -23.55 -14.23 -13.43
C ALA B 167 -23.52 -13.82 -11.97
N ALA B 168 -22.35 -13.52 -11.42
CA ALA B 168 -22.20 -13.13 -10.03
C ALA B 168 -22.11 -11.62 -9.84
N ARG B 169 -22.33 -10.84 -10.90
CA ARG B 169 -22.16 -9.39 -10.81
C ARG B 169 -23.11 -8.78 -9.78
N GLN B 170 -24.36 -9.24 -9.75
CA GLN B 170 -25.32 -8.69 -8.80
C GLN B 170 -24.95 -9.05 -7.36
N SER B 171 -24.55 -10.31 -7.12
CA SER B 171 -24.19 -10.73 -5.78
C SER B 171 -22.91 -10.04 -5.31
N ILE B 172 -21.91 -9.92 -6.19
CA ILE B 172 -20.69 -9.22 -5.84
C ILE B 172 -21.00 -7.77 -5.50
N TYR B 173 -21.85 -7.12 -6.29
CA TYR B 173 -22.25 -5.75 -6.00
C TYR B 173 -22.94 -5.65 -4.64
N GLU B 174 -23.83 -6.61 -4.34
CA GLU B 174 -24.50 -6.61 -3.04
C GLU B 174 -23.50 -6.81 -1.91
N PHE B 175 -22.46 -7.62 -2.15
CA PHE B 175 -21.39 -7.76 -1.16
C PHE B 175 -20.66 -6.44 -0.97
N PHE B 176 -20.37 -5.72 -2.06
CA PHE B 176 -19.71 -4.44 -1.96
C PHE B 176 -20.55 -3.44 -1.15
N MET B 177 -21.87 -3.44 -1.37
CA MET B 177 -22.73 -2.48 -0.67
C MET B 177 -22.85 -2.81 0.81
N ARG B 178 -22.80 -4.10 1.17
CA ARG B 178 -22.82 -4.46 2.58
C ARG B 178 -21.54 -4.04 3.29
N CYS B 179 -20.43 -3.95 2.54
CA CYS B 179 -19.17 -3.50 3.13
C CYS B 179 -19.10 -1.99 3.30
N LYS B 180 -19.96 -1.24 2.63
CA LYS B 180 -19.83 0.21 2.58
C LYS B 180 -20.27 0.85 3.89
N ARG B 181 -19.47 1.84 4.35
CA ARG B 181 -19.78 2.70 5.48
C ARG B 181 -20.29 4.05 5.00
N PRO B 182 -21.08 4.75 5.81
CA PRO B 182 -21.60 6.07 5.38
C PRO B 182 -20.51 7.08 5.08
N ASP B 183 -19.37 7.02 5.76
CA ASP B 183 -18.30 7.99 5.56
C ASP B 183 -17.54 7.77 4.25
N GLY B 184 -17.81 6.68 3.54
CA GLY B 184 -17.14 6.40 2.27
C GLY B 184 -16.14 5.28 2.34
N GLY B 185 -15.82 4.77 3.54
CA GLY B 185 -14.94 3.63 3.66
C GLY B 185 -15.66 2.31 3.49
N PHE B 186 -14.87 1.25 3.37
CA PHE B 186 -15.38 -0.10 3.26
C PHE B 186 -14.68 -1.00 4.26
N VAL B 187 -15.45 -1.87 4.93
CA VAL B 187 -14.84 -2.98 5.63
C VAL B 187 -14.41 -4.02 4.61
N VAL B 188 -13.24 -4.62 4.83
CA VAL B 188 -12.74 -5.61 3.88
C VAL B 188 -13.59 -6.87 3.90
N CYS B 189 -14.26 -7.15 5.01
CA CYS B 189 -15.15 -8.28 5.14
C CYS B 189 -16.10 -8.00 6.29
N GLU B 190 -16.97 -8.96 6.60
CA GLU B 190 -17.86 -8.82 7.74
C GLU B 190 -17.03 -8.66 9.01
N GLY B 191 -17.22 -7.54 9.70
CA GLY B 191 -16.46 -7.25 10.90
C GLY B 191 -15.00 -6.98 10.66
N GLY B 192 -14.61 -6.64 9.43
CA GLY B 192 -13.21 -6.42 9.11
C GLY B 192 -12.80 -4.96 9.21
N GLU B 193 -11.51 -4.73 8.99
CA GLU B 193 -10.93 -3.39 9.11
C GLU B 193 -11.29 -2.54 7.89
N VAL B 194 -11.07 -1.23 8.04
CA VAL B 194 -11.39 -0.25 7.01
C VAL B 194 -10.09 0.47 6.63
N ASP B 195 -9.65 0.29 5.39
CA ASP B 195 -8.50 1.01 4.88
C ASP B 195 -8.60 1.10 3.36
N VAL B 196 -7.65 1.84 2.77
CA VAL B 196 -7.69 2.10 1.34
C VAL B 196 -7.35 0.89 0.49
N ARG B 197 -6.82 -0.19 1.08
CA ARG B 197 -6.65 -1.42 0.31
C ARG B 197 -8.00 -1.97 -0.12
N GLY B 198 -8.98 -1.95 0.79
CA GLY B 198 -10.31 -2.40 0.42
C GLY B 198 -10.95 -1.52 -0.64
N THR B 199 -10.76 -0.20 -0.52
CA THR B 199 -11.28 0.71 -1.53
C THR B 199 -10.65 0.44 -2.90
N TYR B 200 -9.33 0.27 -2.93
CA TYR B 200 -8.66 0.00 -4.20
C TYR B 200 -9.14 -1.30 -4.83
N CYS B 201 -9.15 -2.38 -4.04
CA CYS B 201 -9.56 -3.67 -4.57
C CYS B 201 -11.00 -3.65 -5.04
N LEU B 202 -11.87 -2.93 -4.31
CA LEU B 202 -13.28 -2.85 -4.69
C LEU B 202 -13.44 -2.05 -5.98
N LEU B 203 -12.79 -0.88 -6.06
CA LEU B 203 -12.95 -0.03 -7.24
C LEU B 203 -12.41 -0.69 -8.50
N VAL B 204 -11.33 -1.47 -8.39
CA VAL B 204 -10.81 -2.18 -9.56
C VAL B 204 -11.83 -3.20 -10.05
N VAL B 205 -12.34 -4.04 -9.15
CA VAL B 205 -13.31 -5.05 -9.54
C VAL B 205 -14.59 -4.42 -10.06
N ALA B 206 -15.06 -3.35 -9.39
CA ALA B 206 -16.26 -2.68 -9.84
C ALA B 206 -16.07 -2.05 -11.21
N THR B 207 -14.86 -1.53 -11.48
CA THR B 207 -14.58 -0.97 -12.80
C THR B 207 -14.56 -2.07 -13.86
N LEU B 208 -13.96 -3.22 -13.55
CA LEU B 208 -13.80 -4.27 -14.55
C LEU B 208 -15.11 -4.96 -14.87
N LEU B 209 -16.02 -5.07 -13.90
CA LEU B 209 -17.23 -5.86 -14.06
C LEU B 209 -18.47 -5.03 -14.37
N ASP B 210 -18.34 -3.72 -14.52
CA ASP B 210 -19.46 -2.83 -14.84
C ASP B 210 -20.57 -2.95 -13.79
N ILE B 211 -20.21 -2.62 -12.55
CA ILE B 211 -21.17 -2.65 -11.44
C ILE B 211 -20.99 -1.40 -10.58
N ILE B 212 -20.63 -0.29 -11.21
CA ILE B 212 -20.45 0.98 -10.50
C ILE B 212 -21.77 1.75 -10.51
N THR B 213 -22.22 2.16 -9.34
CA THR B 213 -23.43 2.93 -9.16
C THR B 213 -23.12 4.15 -8.31
N PRO B 214 -23.96 5.19 -8.38
CA PRO B 214 -23.72 6.36 -7.52
C PRO B 214 -23.76 6.04 -6.04
N GLU B 215 -24.63 5.12 -5.62
CA GLU B 215 -24.70 4.79 -4.19
C GLU B 215 -23.46 4.04 -3.73
N LEU B 216 -22.78 3.34 -4.64
CA LEU B 216 -21.56 2.63 -4.28
C LEU B 216 -20.41 3.62 -4.02
N LEU B 217 -20.39 4.74 -4.72
CA LEU B 217 -19.26 5.67 -4.70
C LEU B 217 -19.46 6.84 -3.74
N HIS B 218 -20.62 6.96 -3.10
CA HIS B 218 -20.88 8.12 -2.26
C HIS B 218 -19.88 8.19 -1.11
N ASN B 219 -19.24 9.36 -0.98
CA ASN B 219 -18.23 9.68 0.03
C ASN B 219 -16.94 8.88 -0.11
N VAL B 220 -16.84 7.97 -1.09
CA VAL B 220 -15.62 7.21 -1.27
C VAL B 220 -14.46 8.13 -1.63
N ASP B 221 -14.73 9.15 -2.43
CA ASP B 221 -13.69 10.11 -2.78
C ASP B 221 -13.22 10.92 -1.58
N LYS B 222 -14.14 11.23 -0.65
CA LYS B 222 -13.77 12.02 0.51
C LYS B 222 -12.92 11.20 1.49
N PHE B 223 -13.28 9.92 1.68
CA PHE B 223 -12.49 9.05 2.54
C PHE B 223 -11.05 8.96 2.05
N VAL B 224 -10.87 8.77 0.74
CA VAL B 224 -9.53 8.60 0.19
C VAL B 224 -8.75 9.91 0.27
N SER B 225 -9.39 11.02 -0.12
CA SER B 225 -8.69 12.31 -0.14
C SER B 225 -8.20 12.70 1.24
N ALA B 226 -8.95 12.35 2.29
CA ALA B 226 -8.55 12.68 3.65
C ALA B 226 -7.43 11.77 4.18
N CYS B 227 -7.07 10.71 3.44
CA CYS B 227 -5.95 9.88 3.84
C CYS B 227 -4.59 10.52 3.56
N GLN B 228 -4.56 11.60 2.78
CA GLN B 228 -3.29 12.24 2.45
C GLN B 228 -2.75 12.96 3.68
N THR B 229 -1.45 12.75 3.95
CA THR B 229 -0.80 13.31 5.13
C THR B 229 -0.02 14.56 4.75
N TYR B 230 0.62 15.16 5.76
CA TYR B 230 1.41 16.36 5.52
C TYR B 230 2.65 16.08 4.68
N GLU B 231 3.06 14.81 4.56
CA GLU B 231 4.23 14.48 3.74
C GLU B 231 3.94 14.44 2.26
N GLY B 232 2.67 14.29 1.86
CA GLY B 232 2.27 14.18 0.47
C GLY B 232 1.72 12.82 0.10
N GLY B 233 2.22 11.76 0.73
CA GLY B 233 1.66 10.45 0.56
C GLY B 233 0.37 10.27 1.33
N PHE B 234 -0.10 9.02 1.35
CA PHE B 234 -1.40 8.68 1.92
C PHE B 234 -1.25 7.64 3.01
N ALA B 235 -2.12 7.74 4.02
CA ALA B 235 -2.17 6.78 5.11
C ALA B 235 -3.19 5.68 4.79
N CYS B 236 -3.30 4.71 5.70
CA CYS B 236 -4.18 3.58 5.46
C CYS B 236 -5.65 3.99 5.47
N ALA B 237 -6.03 4.91 6.35
CA ALA B 237 -7.43 5.27 6.50
C ALA B 237 -7.53 6.68 7.05
N SER B 238 -8.76 7.20 7.06
CA SER B 238 -9.08 8.48 7.66
C SER B 238 -10.26 8.30 8.63
N PHE B 239 -10.28 9.14 9.67
CA PHE B 239 -11.31 9.01 10.70
C PHE B 239 -12.38 10.08 10.52
N PRO B 240 -13.66 9.71 10.48
CA PRO B 240 -14.71 10.72 10.36
C PRO B 240 -15.19 11.23 11.72
N PHE B 241 -14.96 12.52 11.99
CA PHE B 241 -15.46 13.13 13.22
C PHE B 241 -16.84 13.70 12.97
N PRO B 242 -17.87 13.27 13.71
CA PRO B 242 -19.22 13.77 13.46
C PRO B 242 -19.41 15.21 13.90
N SER B 243 -20.58 15.77 13.62
CA SER B 243 -20.89 17.14 14.02
C SER B 243 -21.45 17.19 15.44
N GLU B 255 -21.16 14.42 5.60
CA GLU B 255 -21.82 14.13 6.87
C GLU B 255 -20.95 14.46 8.10
N PRO B 256 -19.71 13.96 8.16
CA PRO B 256 -18.87 14.28 9.32
C PRO B 256 -18.39 15.72 9.29
N SER B 257 -18.02 16.21 10.46
CA SER B 257 -17.51 17.58 10.57
C SER B 257 -16.15 17.71 9.90
N CYS B 258 -15.29 16.70 10.05
CA CYS B 258 -13.97 16.71 9.43
C CYS B 258 -13.45 15.28 9.40
N ARG B 259 -12.37 15.09 8.63
CA ARG B 259 -11.72 13.80 8.48
C ARG B 259 -10.22 13.97 8.64
N VAL B 260 -9.59 13.05 9.37
CA VAL B 260 -8.18 13.15 9.73
C VAL B 260 -7.48 11.85 9.35
N SER B 261 -6.31 11.97 8.73
CA SER B 261 -5.48 10.80 8.43
C SER B 261 -5.05 10.13 9.73
N MET B 262 -4.88 8.80 9.67
N MET B 262 -4.89 8.80 9.66
CA MET B 262 -4.72 8.00 10.87
CA MET B 262 -4.73 7.98 10.85
C MET B 262 -3.35 7.35 11.01
C MET B 262 -3.35 7.35 11.01
N ALA B 263 -2.41 7.65 10.12
CA ALA B 263 -1.06 7.07 10.20
C ALA B 263 -0.15 7.80 9.22
N GLU B 264 1.07 7.30 9.07
CA GLU B 264 2.04 7.90 8.17
C GLU B 264 1.65 7.70 6.72
N ALA B 265 2.21 8.54 5.86
CA ALA B 265 2.24 8.25 4.43
C ALA B 265 3.02 6.96 4.22
N HIS B 266 2.42 6.01 3.50
CA HIS B 266 3.00 4.70 3.30
C HIS B 266 2.92 4.32 1.82
N GLY B 267 3.97 3.65 1.34
CA GLY B 267 4.04 3.36 -0.09
C GLY B 267 2.90 2.53 -0.60
N GLY B 268 2.50 1.50 0.16
CA GLY B 268 1.39 0.66 -0.27
C GLY B 268 0.07 1.40 -0.26
N TYR B 269 -0.20 2.15 0.82
CA TYR B 269 -1.47 2.86 0.92
C TYR B 269 -1.49 4.08 0.00
N THR B 270 -0.32 4.65 -0.31
CA THR B 270 -0.27 5.71 -1.31
C THR B 270 -0.64 5.17 -2.69
N SER B 271 -0.13 3.98 -3.03
CA SER B 271 -0.50 3.35 -4.29
C SER B 271 -2.00 3.11 -4.37
N CYS B 272 -2.56 2.51 -3.31
CA CYS B 272 -4.01 2.24 -3.31
C CYS B 272 -4.81 3.53 -3.39
N SER B 273 -4.38 4.57 -2.69
CA SER B 273 -5.11 5.83 -2.71
C SER B 273 -5.01 6.52 -4.07
N LEU B 274 -3.80 6.56 -4.63
CA LEU B 274 -3.64 7.15 -5.97
C LEU B 274 -4.43 6.38 -7.01
N ASN B 275 -4.39 5.05 -6.95
CA ASN B 275 -5.13 4.24 -7.93
C ASN B 275 -6.63 4.37 -7.72
N SER B 276 -7.08 4.38 -6.46
CA SER B 276 -8.51 4.58 -6.19
C SER B 276 -8.97 5.93 -6.71
N HIS B 277 -8.25 7.00 -6.38
CA HIS B 277 -8.61 8.33 -6.84
C HIS B 277 -8.63 8.39 -8.37
N PHE B 278 -7.64 7.78 -9.01
CA PHE B 278 -7.58 7.79 -10.47
C PHE B 278 -8.78 7.08 -11.08
N LEU B 279 -9.18 5.95 -10.50
CA LEU B 279 -10.37 5.25 -10.98
C LEU B 279 -11.62 6.08 -10.79
N LEU B 280 -11.64 6.94 -9.77
CA LEU B 280 -12.82 7.76 -9.52
C LEU B 280 -12.93 8.94 -10.48
N THR B 281 -11.80 9.41 -11.03
CA THR B 281 -11.83 10.53 -11.96
C THR B 281 -12.53 10.16 -13.27
N SER B 282 -12.65 8.86 -13.56
CA SER B 282 -13.35 8.42 -14.77
C SER B 282 -14.86 8.44 -14.61
N VAL B 283 -15.38 8.62 -13.40
CA VAL B 283 -16.81 8.55 -13.13
C VAL B 283 -17.40 9.94 -13.37
N PRO B 284 -18.34 10.10 -14.29
CA PRO B 284 -18.93 11.42 -14.57
C PRO B 284 -20.04 11.80 -13.58
N LEU B 285 -19.61 12.12 -12.35
CA LEU B 285 -20.51 12.62 -11.32
C LEU B 285 -20.19 14.07 -11.01
N PRO B 286 -21.20 14.88 -10.66
CA PRO B 286 -20.96 16.31 -10.41
C PRO B 286 -20.11 16.51 -9.16
N SER B 287 -19.10 17.36 -9.30
CA SER B 287 -18.19 17.71 -8.19
C SER B 287 -17.59 16.45 -7.57
N PHE B 288 -17.12 15.56 -8.43
CA PHE B 288 -16.62 14.25 -8.03
C PHE B 288 -15.52 13.84 -9.00
N PRO B 289 -14.39 13.31 -8.51
CA PRO B 289 -14.11 13.08 -7.09
C PRO B 289 -13.49 14.29 -6.39
N LEU B 290 -13.55 14.33 -5.06
CA LEU B 290 -12.86 15.37 -4.32
C LEU B 290 -11.37 15.34 -4.63
N SER B 291 -10.80 16.53 -4.84
CA SER B 291 -9.43 16.62 -5.32
C SER B 291 -8.43 16.17 -4.25
N ILE B 292 -7.23 15.83 -4.70
CA ILE B 292 -6.10 15.55 -3.82
C ILE B 292 -4.98 16.52 -4.17
N ASP B 293 -3.95 16.52 -3.33
CA ASP B 293 -2.74 17.29 -3.61
C ASP B 293 -1.82 16.41 -4.43
N ALA B 294 -1.98 16.49 -5.76
CA ALA B 294 -1.20 15.62 -6.65
C ALA B 294 0.27 16.00 -6.63
N ASN B 295 0.58 17.30 -6.59
CA ASN B 295 1.97 17.73 -6.56
C ASN B 295 2.69 17.20 -5.32
N ALA B 296 2.02 17.25 -4.16
CA ALA B 296 2.61 16.69 -2.95
C ALA B 296 2.75 15.18 -3.03
N ALA B 297 1.79 14.51 -3.68
CA ALA B 297 1.89 13.06 -3.83
C ALA B 297 3.05 12.69 -4.75
N LEU B 298 3.24 13.44 -5.83
CA LEU B 298 4.38 13.19 -6.72
C LEU B 298 5.69 13.47 -6.01
N ARG B 299 5.75 14.55 -5.23
CA ARG B 299 6.95 14.88 -4.48
C ARG B 299 7.30 13.78 -3.50
N TRP B 300 6.30 13.29 -2.75
CA TRP B 300 6.57 12.22 -1.79
C TRP B 300 7.01 10.94 -2.50
N THR B 301 6.45 10.67 -3.68
CA THR B 301 6.81 9.46 -4.42
C THR B 301 8.29 9.45 -4.78
N VAL B 302 8.77 10.53 -5.41
CA VAL B 302 10.15 10.55 -5.89
C VAL B 302 11.13 10.61 -4.72
N LEU B 303 10.70 11.15 -3.57
CA LEU B 303 11.58 11.22 -2.41
C LEU B 303 11.83 9.88 -1.77
N GLN B 304 11.04 8.85 -2.10
CA GLN B 304 11.21 7.53 -1.51
C GLN B 304 12.18 6.64 -2.28
N GLN B 305 12.74 7.12 -3.40
CA GLN B 305 13.76 6.35 -4.09
C GLN B 305 15.10 6.53 -3.37
N GLY B 306 15.73 5.42 -3.02
CA GLY B 306 16.93 5.47 -2.20
C GLY B 306 18.13 6.03 -2.93
N GLU B 307 19.16 6.32 -2.14
CA GLU B 307 20.41 6.83 -2.65
C GLU B 307 21.17 5.74 -3.41
N PRO B 308 22.22 6.10 -4.15
CA PRO B 308 23.00 5.06 -4.83
C PRO B 308 23.60 4.02 -3.90
N ILE B 309 23.96 4.40 -2.68
CA ILE B 309 24.59 3.44 -1.76
C ILE B 309 23.61 2.33 -1.39
N GLU B 310 22.30 2.60 -1.45
CA GLU B 310 21.29 1.58 -1.20
C GLU B 310 20.65 1.08 -2.49
N GLY B 311 21.39 1.14 -3.60
CA GLY B 311 20.98 0.52 -4.84
C GLY B 311 19.92 1.24 -5.64
N GLY B 312 19.40 2.36 -5.14
CA GLY B 312 18.37 3.06 -5.89
C GLY B 312 16.99 2.43 -5.80
N GLY B 313 16.79 1.50 -4.87
CA GLY B 313 15.47 0.97 -4.62
C GLY B 313 14.58 1.95 -3.89
N PHE B 314 13.30 1.59 -3.79
CA PHE B 314 12.32 2.44 -3.13
C PHE B 314 12.09 1.96 -1.69
N ARG B 315 11.91 2.92 -0.79
CA ARG B 315 11.45 2.65 0.55
C ARG B 315 9.96 2.97 0.65
N GLY B 316 9.31 2.40 1.66
CA GLY B 316 7.88 2.57 1.80
C GLY B 316 7.48 3.71 2.73
N ARG B 317 8.38 4.10 3.62
CA ARG B 317 8.13 5.18 4.57
C ARG B 317 9.41 5.96 4.79
N THR B 318 9.24 7.24 5.14
CA THR B 318 10.39 8.09 5.45
C THR B 318 11.19 7.49 6.59
N ASN B 319 12.51 7.48 6.43
CA ASN B 319 13.45 7.01 7.45
C ASN B 319 13.28 5.52 7.75
N LYS B 320 12.83 4.75 6.77
CA LYS B 320 12.84 3.29 6.85
C LYS B 320 13.62 2.73 5.67
N LEU B 321 13.79 1.42 5.66
CA LEU B 321 14.70 0.77 4.72
C LEU B 321 14.04 0.60 3.36
N VAL B 322 14.87 0.61 2.32
CA VAL B 322 14.38 0.30 0.98
C VAL B 322 13.91 -1.15 0.92
N ASP B 323 12.91 -1.39 0.09
CA ASP B 323 12.29 -2.71 -0.03
C ASP B 323 11.91 -2.91 -1.49
N GLY B 324 12.26 -4.08 -2.03
CA GLY B 324 12.01 -4.33 -3.44
C GLY B 324 10.54 -4.30 -3.81
N CYS B 325 9.66 -4.66 -2.87
CA CYS B 325 8.23 -4.69 -3.18
C CYS B 325 7.67 -3.30 -3.43
N TYR B 326 8.31 -2.25 -2.91
CA TYR B 326 7.86 -0.89 -3.17
C TYR B 326 8.27 -0.39 -4.54
N SER B 327 9.00 -1.20 -5.32
CA SER B 327 9.21 -0.86 -6.73
C SER B 327 7.87 -0.79 -7.46
N TRP B 328 6.92 -1.65 -7.09
CA TRP B 328 5.58 -1.54 -7.66
C TRP B 328 4.74 -0.51 -6.94
N TRP B 329 4.69 -0.57 -5.60
CA TRP B 329 3.81 0.32 -4.85
C TRP B 329 4.15 1.78 -5.11
N VAL B 330 5.41 2.16 -4.95
CA VAL B 330 5.81 3.55 -5.14
C VAL B 330 6.14 3.83 -6.60
N GLY B 331 6.89 2.94 -7.24
CA GLY B 331 7.24 3.15 -8.64
C GLY B 331 6.04 3.10 -9.55
N GLY B 332 5.14 2.13 -9.34
CA GLY B 332 3.95 2.03 -10.15
C GLY B 332 2.94 3.15 -9.91
N GLY B 333 3.00 3.79 -8.74
CA GLY B 333 2.17 4.94 -8.50
C GLY B 333 2.67 6.21 -9.15
N ALA B 334 3.94 6.23 -9.58
CA ALA B 334 4.50 7.43 -10.18
C ALA B 334 3.80 7.84 -11.47
N PRO B 335 3.49 6.94 -12.42
CA PRO B 335 2.73 7.38 -13.60
C PRO B 335 1.34 7.90 -13.27
N VAL B 336 0.72 7.36 -12.21
CA VAL B 336 -0.59 7.87 -11.80
C VAL B 336 -0.46 9.26 -11.22
N ALA B 337 0.49 9.46 -10.31
CA ALA B 337 0.71 10.79 -9.74
C ALA B 337 1.14 11.78 -10.80
N GLU B 338 1.95 11.33 -11.76
CA GLU B 338 2.40 12.22 -12.83
C GLU B 338 1.22 12.67 -13.70
N GLU B 339 0.32 11.74 -14.01
CA GLU B 339 -0.84 12.09 -14.82
C GLU B 339 -1.77 13.06 -14.08
N LEU B 340 -1.97 12.85 -12.78
CA LEU B 340 -2.80 13.76 -12.01
C LEU B 340 -2.18 15.16 -11.96
N VAL B 341 -0.85 15.24 -11.87
CA VAL B 341 -0.18 16.54 -11.92
C VAL B 341 -0.36 17.16 -13.29
N ARG B 342 -0.26 16.35 -14.35
CA ARG B 342 -0.42 16.89 -15.70
C ARG B 342 -1.83 17.43 -15.91
N ARG B 343 -2.84 16.76 -15.36
CA ARG B 343 -4.21 17.24 -15.50
C ARG B 343 -4.41 18.56 -14.78
N GLU B 344 -3.75 18.74 -13.63
CA GLU B 344 -3.87 20.00 -12.91
C GLU B 344 -3.18 21.15 -13.64
N LYS B 345 -2.02 20.87 -14.26
CA LYS B 345 -1.36 21.89 -15.06
C LYS B 345 -2.18 22.24 -16.30
N SER B 346 -2.83 21.24 -16.89
CA SER B 346 -3.69 21.52 -18.04
C SER B 346 -4.95 22.27 -17.62
N ARG B 347 -5.50 21.95 -16.45
CA ARG B 347 -6.67 22.65 -15.96
C ARG B 347 -6.34 24.10 -15.61
N LYS B 348 -5.14 24.35 -15.09
CA LYS B 348 -4.77 25.70 -14.69
C LYS B 348 -4.50 26.60 -15.89
N VAL B 349 -4.25 26.04 -17.06
CA VAL B 349 -4.04 26.83 -18.26
C VAL B 349 -5.37 27.40 -18.76
N ILE B 371 10.06 15.71 -21.80
CA ILE B 371 9.90 15.61 -20.35
C ILE B 371 10.70 14.43 -19.82
N PRO B 372 11.62 14.68 -18.90
CA PRO B 372 12.45 13.61 -18.35
C PRO B 372 11.65 12.75 -17.40
N PRO B 373 12.13 11.54 -17.09
CA PRO B 373 11.43 10.70 -16.11
C PRO B 373 11.45 11.34 -14.74
N ILE B 374 10.39 11.10 -13.96
CA ILE B 374 10.30 11.71 -12.64
C ILE B 374 11.03 10.90 -11.57
N PHE B 375 11.29 9.61 -11.82
CA PHE B 375 12.15 8.83 -10.95
C PHE B 375 13.22 8.15 -11.79
N ASN B 376 14.30 7.74 -11.12
CA ASN B 376 15.42 7.13 -11.82
C ASN B 376 15.05 5.74 -12.32
N ARG B 377 14.59 5.66 -13.58
CA ARG B 377 14.18 4.38 -14.14
C ARG B 377 15.35 3.41 -14.24
N VAL B 378 16.57 3.92 -14.41
CA VAL B 378 17.73 3.06 -14.53
C VAL B 378 18.12 2.47 -13.18
N ALA B 379 18.19 3.31 -12.14
CA ALA B 379 18.60 2.84 -10.82
C ALA B 379 17.63 1.80 -10.28
N LEU B 380 16.33 1.97 -10.54
CA LEU B 380 15.35 1.00 -10.06
C LEU B 380 15.56 -0.36 -10.69
N GLN B 381 15.88 -0.39 -11.99
CA GLN B 381 16.18 -1.66 -12.65
C GLN B 381 17.47 -2.27 -12.08
N GLU B 382 18.48 -1.44 -11.82
CA GLU B 382 19.72 -1.95 -11.25
C GLU B 382 19.49 -2.56 -9.87
N PHE B 383 18.63 -1.94 -9.06
CA PHE B 383 18.28 -2.54 -7.78
C PHE B 383 17.61 -3.89 -7.96
N THR B 384 16.70 -3.98 -8.93
CA THR B 384 15.99 -5.23 -9.18
C THR B 384 16.96 -6.33 -9.61
N LEU B 385 17.86 -6.02 -10.55
CA LEU B 385 18.75 -7.03 -11.10
C LEU B 385 19.84 -7.41 -10.12
N VAL B 386 20.43 -6.44 -9.42
CA VAL B 386 21.59 -6.68 -8.58
C VAL B 386 21.18 -7.12 -7.18
N ALA B 387 20.27 -6.39 -6.54
CA ALA B 387 19.93 -6.61 -5.14
C ALA B 387 18.69 -7.46 -4.94
N ALA B 388 17.64 -7.25 -5.73
CA ALA B 388 16.37 -7.91 -5.46
C ALA B 388 16.38 -9.38 -5.89
N GLN B 389 17.19 -9.74 -6.88
CA GLN B 389 17.24 -11.13 -7.31
C GLN B 389 17.89 -12.01 -6.24
N GLN B 390 17.35 -13.21 -6.08
CA GLN B 390 18.01 -14.22 -5.26
C GLN B 390 19.38 -14.54 -5.86
N ASP B 391 20.32 -14.89 -4.98
CA ASP B 391 21.66 -15.25 -5.43
C ASP B 391 21.58 -16.36 -6.46
N PRO B 392 22.41 -16.33 -7.50
CA PRO B 392 22.30 -17.32 -8.57
C PRO B 392 22.61 -18.73 -8.09
N GLY B 393 22.08 -19.71 -8.83
CA GLY B 393 22.28 -21.10 -8.48
C GLY B 393 21.57 -21.53 -7.22
N SER B 394 20.56 -20.79 -6.77
CA SER B 394 19.85 -21.13 -5.55
C SER B 394 18.40 -21.49 -5.85
N THR B 395 17.47 -20.92 -5.08
CA THR B 395 16.05 -21.22 -5.24
C THR B 395 15.36 -20.38 -6.29
N GLY B 396 15.98 -19.28 -6.73
CA GLY B 396 15.31 -18.34 -7.61
C GLY B 396 14.36 -17.45 -6.83
N GLY B 397 13.65 -16.61 -7.58
CA GLY B 397 12.74 -15.65 -6.99
C GLY B 397 13.41 -14.34 -6.63
N LEU B 398 12.59 -13.35 -6.31
CA LEU B 398 13.06 -12.03 -5.93
C LEU B 398 12.60 -11.72 -4.51
N ARG B 399 13.29 -10.77 -3.87
CA ARG B 399 13.22 -10.62 -2.43
C ARG B 399 13.08 -9.16 -2.04
N ASP B 400 12.79 -8.95 -0.75
CA ASP B 400 12.80 -7.61 -0.16
C ASP B 400 14.18 -6.98 -0.25
N LYS B 401 15.17 -7.62 0.37
CA LYS B 401 16.52 -7.09 0.45
C LYS B 401 17.49 -8.26 0.50
N PRO B 402 18.78 -8.01 0.27
CA PRO B 402 19.78 -9.04 0.57
C PRO B 402 19.71 -9.46 2.03
N GLY B 403 19.69 -10.77 2.27
CA GLY B 403 19.51 -11.30 3.60
C GLY B 403 18.09 -11.74 3.91
N LYS B 404 17.14 -11.44 3.02
CA LYS B 404 15.75 -11.86 3.18
C LYS B 404 15.43 -12.96 2.17
N ARG B 405 14.69 -13.96 2.63
CA ARG B 405 14.28 -15.03 1.74
C ARG B 405 13.33 -14.48 0.67
N PRO B 406 13.46 -14.94 -0.58
CA PRO B 406 12.49 -14.54 -1.60
C PRO B 406 11.16 -15.23 -1.38
N ASP B 407 10.08 -14.55 -1.79
CA ASP B 407 8.75 -15.09 -1.70
C ASP B 407 7.95 -14.69 -2.94
N GLN B 408 6.76 -15.26 -3.06
CA GLN B 408 5.93 -15.00 -4.23
C GLN B 408 5.49 -13.54 -4.29
N TYR B 409 5.22 -12.93 -3.14
CA TYR B 409 4.79 -11.55 -3.11
C TYR B 409 5.88 -10.61 -3.60
N HIS B 410 7.10 -10.75 -3.06
CA HIS B 410 8.19 -9.88 -3.50
C HIS B 410 8.64 -10.20 -4.91
N THR B 411 8.45 -11.45 -5.37
CA THR B 411 8.73 -11.78 -6.76
C THR B 411 7.80 -11.00 -7.69
N CYS B 412 6.49 -10.99 -7.37
CA CYS B 412 5.53 -10.31 -8.21
C CYS B 412 5.73 -8.80 -8.21
N ASN B 413 5.95 -8.22 -7.02
CA ASN B 413 6.05 -6.77 -6.93
C ASN B 413 7.37 -6.25 -7.51
N ASN B 414 8.47 -6.99 -7.31
CA ASN B 414 9.72 -6.60 -7.95
C ASN B 414 9.59 -6.58 -9.47
N LEU B 415 9.02 -7.64 -10.04
CA LEU B 415 8.86 -7.70 -11.49
C LEU B 415 7.86 -6.66 -11.97
N SER B 416 6.80 -6.41 -11.19
CA SER B 416 5.83 -5.38 -11.57
C SER B 416 6.47 -4.01 -11.59
N GLY B 417 7.29 -3.70 -10.58
CA GLY B 417 8.01 -2.43 -10.60
C GLY B 417 9.05 -2.37 -11.69
N LEU B 418 9.74 -3.49 -11.95
CA LEU B 418 10.71 -3.53 -13.04
C LEU B 418 10.03 -3.22 -14.37
N SER B 419 8.82 -3.74 -14.58
CA SER B 419 8.10 -3.46 -15.81
C SER B 419 7.79 -1.97 -15.95
N ILE B 420 7.38 -1.34 -14.84
CA ILE B 420 7.11 0.10 -14.86
C ILE B 420 8.38 0.88 -15.19
N ALA B 421 9.52 0.43 -14.66
CA ALA B 421 10.77 1.12 -14.94
C ALA B 421 11.23 0.91 -16.37
N GLN B 422 11.00 -0.29 -16.92
CA GLN B 422 11.46 -0.59 -18.27
C GLN B 422 10.63 0.12 -19.33
N HIS B 423 9.32 0.24 -19.10
CA HIS B 423 8.39 0.73 -20.10
C HIS B 423 7.79 2.05 -19.63
N LYS B 424 7.92 3.09 -20.44
CA LYS B 424 7.38 4.41 -20.12
C LYS B 424 5.86 4.38 -20.29
N MET B 425 5.14 4.40 -19.17
CA MET B 425 3.69 4.32 -19.18
C MET B 425 3.07 5.69 -18.98
N SER B 426 2.01 5.97 -19.73
CA SER B 426 1.28 7.22 -19.58
C SER B 426 -0.17 7.01 -19.97
N HIS B 427 -1.05 7.83 -19.41
CA HIS B 427 -2.47 7.80 -19.73
C HIS B 427 -2.71 8.78 -20.88
N SER B 428 -3.09 8.24 -22.04
CA SER B 428 -3.15 9.03 -23.26
C SER B 428 -4.56 9.58 -23.47
N PRO B 429 -4.76 10.90 -23.43
CA PRO B 429 -6.10 11.44 -23.75
C PRO B 429 -6.56 11.11 -25.15
N SER B 430 -5.65 11.07 -26.13
CA SER B 430 -6.06 10.74 -27.49
C SER B 430 -6.50 9.28 -27.59
N THR B 431 -5.88 8.39 -26.82
CA THR B 431 -6.33 7.00 -26.79
C THR B 431 -7.69 6.88 -26.11
N VAL B 432 -7.90 7.64 -25.04
CA VAL B 432 -9.21 7.66 -24.39
C VAL B 432 -10.27 8.21 -25.33
N SER B 433 -9.94 9.25 -26.09
CA SER B 433 -10.88 9.79 -27.06
C SER B 433 -11.22 8.76 -28.12
N SER B 434 -10.22 8.01 -28.60
CA SER B 434 -10.48 6.97 -29.58
C SER B 434 -11.33 5.86 -28.99
N ASN B 435 -11.14 5.56 -27.71
CA ASN B 435 -11.98 4.56 -27.05
C ASN B 435 -13.43 5.04 -26.96
N ARG B 436 -13.63 6.34 -26.71
CA ARG B 436 -14.99 6.87 -26.67
C ARG B 436 -15.66 6.73 -28.03
N LEU B 437 -14.91 6.96 -29.12
CA LEU B 437 -15.48 6.91 -30.45
C LEU B 437 -15.88 5.50 -30.87
N LYS B 438 -15.32 4.46 -30.27
CA LYS B 438 -15.61 3.09 -30.64
C LYS B 438 -16.51 2.37 -29.65
N PHE B 439 -16.81 2.97 -28.51
CA PHE B 439 -17.63 2.31 -27.51
C PHE B 439 -19.07 2.14 -28.01
N ASP B 440 -19.64 0.97 -27.76
CA ASP B 440 -21.02 0.64 -28.16
C ASP B 440 -21.88 0.62 -26.91
N ALA B 441 -22.64 1.70 -26.70
CA ALA B 441 -23.49 1.79 -25.52
C ALA B 441 -24.67 0.84 -25.58
N SER B 442 -25.03 0.33 -26.76
CA SER B 442 -26.15 -0.59 -26.89
C SER B 442 -25.80 -2.01 -26.49
N LYS B 443 -24.54 -2.31 -26.24
CA LYS B 443 -24.10 -3.63 -25.81
C LYS B 443 -23.68 -3.57 -24.35
N GLY B 444 -24.00 -4.62 -23.61
CA GLY B 444 -23.63 -4.68 -22.22
C GLY B 444 -24.45 -5.69 -21.46
N LEU B 445 -23.96 -6.04 -20.28
CA LEU B 445 -24.62 -6.96 -19.38
C LEU B 445 -25.75 -6.26 -18.64
N PRO B 446 -26.67 -7.01 -18.03
CA PRO B 446 -27.81 -6.38 -17.34
C PRO B 446 -27.35 -5.39 -16.27
N ALA B 447 -28.06 -4.28 -16.18
CA ALA B 447 -27.74 -3.26 -15.19
C ALA B 447 -27.90 -3.82 -13.79
N VAL B 448 -27.04 -3.33 -12.88
CA VAL B 448 -27.11 -3.75 -11.49
C VAL B 448 -28.32 -3.11 -10.83
N LYS B 449 -29.01 -3.89 -9.97
CA LYS B 449 -30.14 -3.36 -9.22
C LYS B 449 -29.64 -2.77 -7.91
N PRO B 450 -29.81 -1.46 -7.69
CA PRO B 450 -29.25 -0.84 -6.49
C PRO B 450 -30.00 -1.27 -5.23
N VAL B 451 -29.29 -1.17 -4.11
CA VAL B 451 -29.89 -1.54 -2.82
C VAL B 451 -30.95 -0.52 -2.42
N ALA B 452 -30.60 0.77 -2.48
CA ALA B 452 -31.55 1.84 -2.20
C ALA B 452 -32.35 2.18 -3.46
N PRO B 453 -33.60 2.63 -3.29
CA PRO B 453 -34.42 2.93 -4.48
C PRO B 453 -33.81 3.97 -5.39
N GLY B 454 -33.21 5.02 -4.84
CA GLY B 454 -32.60 6.06 -5.67
C GLY B 454 -31.10 5.95 -5.74
N GLY B 455 -30.57 4.74 -5.57
CA GLY B 455 -29.13 4.56 -5.55
C GLY B 455 -28.47 4.37 -6.90
N GLY B 456 -29.27 4.17 -7.96
CA GLY B 456 -28.72 3.97 -9.29
C GLY B 456 -28.55 5.28 -10.04
N TRP B 457 -28.19 5.14 -11.31
CA TRP B 457 -28.05 6.32 -12.17
C TRP B 457 -29.42 6.90 -12.50
N LYS B 458 -29.44 8.20 -12.79
CA LYS B 458 -30.69 8.91 -12.99
C LYS B 458 -31.48 8.33 -14.16
N ASN B 459 -30.83 8.19 -15.31
CA ASN B 459 -31.49 7.66 -16.49
C ASN B 459 -30.47 6.84 -17.30
N GLU B 460 -30.92 6.33 -18.44
CA GLU B 460 -30.05 5.49 -19.25
C GLU B 460 -28.97 6.29 -19.95
N ASP B 461 -29.24 7.56 -20.26
CA ASP B 461 -28.21 8.41 -20.87
C ASP B 461 -27.05 8.63 -19.90
N GLU B 462 -27.35 8.80 -18.61
CA GLU B 462 -26.28 9.00 -17.64
C GLU B 462 -25.52 7.72 -17.36
N ARG B 463 -26.23 6.59 -17.32
CA ARG B 463 -25.55 5.32 -17.05
C ARG B 463 -24.65 4.91 -18.21
N GLN B 464 -25.12 5.07 -19.44
CA GLN B 464 -24.29 4.72 -20.59
C GLN B 464 -23.13 5.68 -20.76
N ASN B 465 -23.33 6.97 -20.45
CA ASN B 465 -22.20 7.90 -20.43
C ASN B 465 -21.18 7.50 -19.38
N ALA B 466 -21.65 6.96 -18.25
CA ALA B 466 -20.73 6.49 -17.22
C ALA B 466 -20.00 5.22 -17.67
N ARG B 467 -20.71 4.28 -18.29
CA ARG B 467 -20.06 3.08 -18.80
C ARG B 467 -18.99 3.42 -19.83
N ARG B 468 -19.27 4.40 -20.70
CA ARG B 468 -18.30 4.77 -21.73
C ARG B 468 -17.04 5.38 -21.12
N GLU B 469 -17.21 6.35 -20.22
CA GLU B 469 -16.06 7.03 -19.65
C GLU B 469 -15.22 6.08 -18.82
N ILE B 470 -15.86 5.20 -18.04
CA ILE B 470 -15.12 4.28 -17.19
C ILE B 470 -14.39 3.24 -18.04
N TRP B 471 -15.06 2.71 -19.07
CA TRP B 471 -14.42 1.75 -19.96
C TRP B 471 -13.31 2.42 -20.77
N ALA B 472 -13.56 3.61 -21.30
CA ALA B 472 -12.57 4.26 -22.16
C ALA B 472 -11.32 4.63 -21.38
N ASN B 473 -11.48 5.14 -20.15
CA ASN B 473 -10.32 5.53 -19.36
C ASN B 473 -9.57 4.31 -18.82
N ALA B 474 -10.28 3.23 -18.50
CA ALA B 474 -9.61 2.03 -18.03
C ALA B 474 -8.66 1.46 -19.08
N LEU B 475 -8.96 1.69 -20.36
CA LEU B 475 -8.11 1.25 -21.46
C LEU B 475 -7.30 2.40 -22.04
N GLY B 476 -6.96 3.40 -21.23
CA GLY B 476 -6.27 4.57 -21.71
C GLY B 476 -4.77 4.57 -21.49
N TRP B 477 -4.26 3.58 -20.77
CA TRP B 477 -2.83 3.49 -20.51
C TRP B 477 -2.12 2.92 -21.74
N ILE B 478 -1.03 3.58 -22.15
CA ILE B 478 -0.23 3.15 -23.28
C ILE B 478 1.24 3.16 -22.87
N GLU B 479 2.04 2.41 -23.63
CA GLU B 479 3.49 2.48 -23.53
C GLU B 479 3.98 3.41 -24.63
N GLU B 480 4.67 4.48 -24.24
CA GLU B 480 5.13 5.46 -25.20
C GLU B 480 6.23 4.88 -26.08
N GLU B 481 6.09 5.06 -27.40
CA GLU B 481 7.10 4.60 -28.33
C GLU B 481 8.40 5.37 -28.13
N GLY B 482 9.52 4.64 -28.09
CA GLY B 482 10.82 5.23 -27.91
C GLY B 482 11.22 5.49 -26.48
N GLY B 483 10.33 5.28 -25.51
CA GLY B 483 10.63 5.49 -24.11
C GLY B 483 11.12 4.25 -23.38
N GLU B 484 11.34 3.14 -24.08
CA GLU B 484 11.75 1.91 -23.43
C GLU B 484 13.21 1.98 -23.00
N ILE B 485 13.47 1.54 -21.77
CA ILE B 485 14.83 1.50 -21.22
C ILE B 485 15.02 0.12 -20.60
N ILE B 486 15.82 -0.71 -21.24
CA ILE B 486 16.08 -2.07 -20.76
C ILE B 486 17.53 -2.12 -20.30
N VAL B 487 17.75 -1.94 -19.00
CA VAL B 487 19.09 -1.98 -18.44
C VAL B 487 19.65 -3.40 -18.56
N GLY B 488 20.88 -3.52 -19.05
CA GLY B 488 21.57 -4.79 -19.11
C GLY B 488 21.37 -5.58 -20.39
N GLY B 489 20.62 -5.07 -21.35
CA GLY B 489 20.39 -5.77 -22.59
C GLY B 489 18.94 -6.24 -22.71
N LYS B 490 18.53 -6.46 -23.97
CA LYS B 490 17.14 -6.77 -24.27
C LYS B 490 16.69 -8.12 -23.71
N ASP B 491 17.62 -8.99 -23.33
CA ASP B 491 17.24 -10.24 -22.68
C ASP B 491 16.67 -10.02 -21.28
N ASN B 492 16.89 -8.84 -20.70
CA ASN B 492 16.29 -8.50 -19.41
C ASN B 492 14.88 -7.96 -19.55
N ARG B 493 14.40 -7.75 -20.77
CA ARG B 493 13.08 -7.16 -20.97
C ARG B 493 12.00 -8.11 -20.48
N ILE B 494 11.04 -7.57 -19.73
CA ILE B 494 9.83 -8.30 -19.36
C ILE B 494 8.64 -7.57 -19.96
N ASN B 495 7.48 -8.21 -19.89
CA ASN B 495 6.30 -7.67 -20.53
C ASN B 495 5.77 -6.44 -19.79
N THR B 496 4.92 -5.70 -20.48
CA THR B 496 4.42 -4.41 -19.99
C THR B 496 3.18 -4.62 -19.14
N THR B 497 3.24 -4.20 -17.88
CA THR B 497 2.08 -4.23 -17.02
C THR B 497 1.32 -2.91 -17.11
N THR B 498 0.07 -2.94 -16.65
CA THR B 498 -0.73 -1.73 -16.72
C THR B 498 -0.76 -1.04 -15.37
N PRO B 499 -0.53 0.27 -15.30
CA PRO B 499 -0.71 0.98 -14.02
C PRO B 499 -2.14 0.83 -13.53
N VAL B 500 -2.31 1.05 -12.23
CA VAL B 500 -3.59 0.98 -11.52
C VAL B 500 -4.08 -0.46 -11.38
N PHE B 501 -4.13 -1.21 -12.50
CA PHE B 501 -4.65 -2.57 -12.47
C PHE B 501 -3.58 -3.61 -12.17
N ASN B 502 -2.37 -3.43 -12.72
CA ASN B 502 -1.24 -4.36 -12.57
C ASN B 502 -1.55 -5.73 -13.18
N ILE B 503 -2.11 -5.71 -14.38
CA ILE B 503 -2.13 -6.88 -15.26
C ILE B 503 -1.71 -6.40 -16.64
N LEU B 504 -1.21 -7.34 -17.44
CA LEU B 504 -0.81 -7.01 -18.80
C LEU B 504 -1.99 -6.43 -19.57
N GLY B 505 -1.70 -5.47 -20.45
CA GLY B 505 -2.75 -4.91 -21.28
C GLY B 505 -3.41 -5.95 -22.16
N LEU B 506 -2.67 -6.96 -22.60
CA LEU B 506 -3.25 -8.03 -23.41
C LEU B 506 -4.20 -8.90 -22.60
N ARG B 507 -4.17 -8.82 -21.27
CA ARG B 507 -5.17 -9.45 -20.44
C ARG B 507 -6.32 -8.49 -20.11
N LEU B 508 -5.99 -7.23 -19.86
CA LEU B 508 -6.99 -6.25 -19.44
C LEU B 508 -8.02 -5.98 -20.54
N LYS B 509 -7.57 -5.83 -21.78
CA LYS B 509 -8.50 -5.49 -22.85
C LYS B 509 -9.54 -6.58 -23.11
N PRO B 510 -9.19 -7.84 -23.34
CA PRO B 510 -10.23 -8.85 -23.56
C PRO B 510 -11.11 -9.08 -22.33
N PHE B 511 -10.57 -8.86 -21.13
CA PHE B 511 -11.35 -9.11 -19.92
C PHE B 511 -12.43 -8.05 -19.74
N ILE B 512 -12.04 -6.77 -19.78
CA ILE B 512 -13.03 -5.72 -19.56
C ILE B 512 -13.98 -5.60 -20.75
N ASN B 513 -13.51 -5.96 -21.95
CA ASN B 513 -14.41 -5.97 -23.11
C ASN B 513 -15.49 -7.04 -22.96
N TYR B 514 -15.17 -8.15 -22.30
CA TYR B 514 -16.15 -9.21 -22.12
C TYR B 514 -17.33 -8.73 -21.29
N PHE B 515 -17.06 -8.07 -20.16
CA PHE B 515 -18.13 -7.66 -19.26
C PHE B 515 -18.84 -6.40 -19.74
N TYR B 516 -18.22 -5.60 -20.59
CA TYR B 516 -18.89 -4.49 -21.24
C TYR B 516 -19.42 -4.86 -22.62
N CYS B 517 -19.23 -6.11 -23.04
CA CYS B 517 -19.76 -6.62 -24.32
C CYS B 517 -19.26 -5.79 -25.50
N GLN B 518 -17.98 -5.42 -25.47
CA GLN B 518 -17.34 -4.68 -26.54
C GLN B 518 -16.40 -5.60 -27.31
N GLU B 519 -16.20 -5.29 -28.58
CA GLU B 519 -15.25 -6.02 -29.41
C GLU B 519 -14.77 -5.16 -30.58
#